data_1KI1
#
_entry.id   1KI1
#
_cell.length_a   85.37
_cell.length_b   79.23
_cell.length_c   116.41
_cell.angle_alpha   90
_cell.angle_beta   111.51
_cell.angle_gamma   90
#
_symmetry.space_group_name_H-M   'P 1 21 1'
#
loop_
_entity.id
_entity.type
_entity.pdbx_description
1 polymer 'G25K GTP-binding protein, placental isoform'
2 polymer 'intersectin long form'
3 non-polymer 'SULFATE ION'
4 water water
#
loop_
_entity_poly.entity_id
_entity_poly.type
_entity_poly.pdbx_seq_one_letter_code
_entity_poly.pdbx_strand_id
1 'polypeptide(L)'
;MQTIKCVVVGDGAVGKTCLLISYTTNKFPSEYVPTVFDNYAVTVMIGGEPYTLGLFDTAGQEDYDRLRPLSYPQTDVFLV
CFSVVSPSSFENVKEKWVPEITHHCPKTPFLLVGTQIDLRDDPSTIEKLAKNKQKPITPETAEKLARDLKAVKYVECSAL
TQKGLKNVFDEAILAALEPPEPKKSRRS
;
A,C
2 'polypeptide(L)'
;DMLTPTERKRQGYIHELIVTEENYVNDLQLVTEIFQKPLMESELLTEKEVAMIFVNWKELIMCNIKLLKALRVRKKMSGE
KMPVKMIGDILSAQLPHMQPYIRFCSRQLNGAALIQQKTDEAPDFKEFVKRLEMDPRCKGMPLSSFILKPMQRVTRYPLI
IKNILENTPENHPDHSHLKHALEKAEELCSQVNEGVREKENSDRLEWIQAHVQCEGLSEQLVFNSVTNCLGPRKFLHSGK
LYKAKNNKELYGFLFNDFLLLTQITKPLGSSGTDKVFSPKSNLQYMYKTPIFLNEVLVKLPTDPSGDEPIFHISHIDRVY
TLRAESINERTAWVQKIKAASELYIETEKKKR
;
B,D
#
# COMPACT_ATOMS: atom_id res chain seq x y z
N MET A 1 23.15 13.13 9.31
CA MET A 1 23.63 14.53 9.30
C MET A 1 23.14 15.27 8.05
N GLN A 2 24.01 16.11 7.50
CA GLN A 2 23.70 16.86 6.30
C GLN A 2 23.83 15.96 5.08
N THR A 3 22.81 15.96 4.23
CA THR A 3 22.81 15.15 3.02
C THR A 3 23.19 16.02 1.81
N ILE A 4 24.39 15.77 1.30
CA ILE A 4 24.95 16.50 0.17
C ILE A 4 24.40 16.12 -1.21
N LYS A 5 23.68 17.05 -1.84
CA LYS A 5 23.12 16.82 -3.16
C LYS A 5 24.20 17.02 -4.24
N CYS A 6 24.54 15.94 -4.94
CA CYS A 6 25.56 15.95 -5.98
C CYS A 6 24.93 15.58 -7.34
N VAL A 7 25.03 16.47 -8.32
CA VAL A 7 24.44 16.24 -9.63
C VAL A 7 25.49 16.06 -10.72
N VAL A 8 25.33 14.98 -11.50
CA VAL A 8 26.29 14.66 -12.57
C VAL A 8 25.79 15.11 -13.93
N VAL A 9 26.51 16.03 -14.56
CA VAL A 9 26.13 16.54 -15.87
C VAL A 9 27.26 16.40 -16.90
N GLY A 10 26.92 16.67 -18.17
CA GLY A 10 27.89 16.58 -19.25
C GLY A 10 27.24 15.93 -20.44
N ASP A 11 27.91 15.90 -21.59
CA ASP A 11 27.35 15.29 -22.80
C ASP A 11 26.91 13.83 -22.68
N GLY A 12 25.99 13.43 -23.55
CA GLY A 12 25.51 12.06 -23.56
C GLY A 12 26.67 11.19 -24.05
N ALA A 13 26.73 9.95 -23.55
CA ALA A 13 27.79 9.00 -23.91
C ALA A 13 29.17 9.29 -23.32
N VAL A 14 29.25 10.12 -22.28
CA VAL A 14 30.56 10.32 -21.65
C VAL A 14 30.66 9.34 -20.48
N GLY A 15 29.62 8.54 -20.27
CA GLY A 15 29.65 7.56 -19.19
C GLY A 15 29.24 8.02 -17.79
N LYS A 16 28.34 8.98 -17.71
CA LYS A 16 27.86 9.47 -16.42
C LYS A 16 27.15 8.36 -15.66
N THR A 17 26.19 7.71 -16.34
CA THR A 17 25.41 6.63 -15.75
C THR A 17 26.33 5.48 -15.29
N CYS A 18 27.20 5.06 -16.19
CA CYS A 18 28.11 3.97 -15.91
C CYS A 18 29.02 4.21 -14.70
N LEU A 19 29.53 5.43 -14.55
CA LEU A 19 30.41 5.74 -13.43
C LEU A 19 29.64 5.83 -12.12
N LEU A 20 28.36 6.21 -12.19
CA LEU A 20 27.54 6.28 -10.99
C LEU A 20 27.24 4.87 -10.53
N ILE A 21 26.87 4.02 -11.48
CA ILE A 21 26.55 2.63 -11.18
C ILE A 21 27.81 1.91 -10.68
N SER A 22 28.93 2.15 -11.32
CA SER A 22 30.16 1.52 -10.94
C SER A 22 30.54 1.93 -9.51
N TYR A 23 30.36 3.22 -9.18
CA TYR A 23 30.70 3.70 -7.85
C TYR A 23 29.78 3.14 -6.77
N THR A 24 28.47 3.15 -7.01
CA THR A 24 27.54 2.66 -6.01
C THR A 24 27.43 1.14 -5.89
N THR A 25 27.68 0.39 -6.96
CA THR A 25 27.56 -1.06 -6.84
C THR A 25 28.89 -1.74 -6.52
N ASN A 26 29.99 -1.02 -6.71
CA ASN A 26 31.34 -1.52 -6.43
C ASN A 26 31.88 -2.41 -7.53
N LYS A 27 31.21 -2.43 -8.66
CA LYS A 27 31.65 -3.26 -9.78
C LYS A 27 31.17 -2.68 -11.10
N PHE A 28 32.06 -2.68 -12.09
CA PHE A 28 31.70 -2.19 -13.41
C PHE A 28 30.69 -3.21 -13.95
N PRO A 29 29.58 -2.72 -14.53
CA PRO A 29 28.59 -3.66 -15.07
C PRO A 29 29.14 -4.38 -16.30
N SER A 30 29.64 -5.59 -16.09
CA SER A 30 30.21 -6.37 -17.18
C SER A 30 29.13 -6.69 -18.21
N GLU A 31 28.00 -7.17 -17.71
CA GLU A 31 26.86 -7.54 -18.56
C GLU A 31 26.64 -6.58 -19.72
N TYR A 32 25.95 -5.49 -19.44
CA TYR A 32 25.66 -4.50 -20.45
C TYR A 32 25.18 -3.26 -19.71
N VAL A 33 25.98 -2.20 -19.79
CA VAL A 33 25.70 -0.93 -19.11
C VAL A 33 24.23 -0.49 -18.98
N PRO A 34 23.72 -0.44 -17.75
CA PRO A 34 22.33 -0.03 -17.53
C PRO A 34 22.19 1.41 -18.02
N THR A 35 20.97 1.82 -18.35
CA THR A 35 20.74 3.18 -18.81
C THR A 35 20.16 3.99 -17.68
N VAL A 36 19.68 3.28 -16.66
CA VAL A 36 19.03 3.90 -15.52
C VAL A 36 19.80 3.86 -14.19
N PHE A 37 19.89 5.02 -13.57
CA PHE A 37 20.50 5.18 -12.25
C PHE A 37 19.50 6.02 -11.46
N ASP A 38 18.82 5.42 -10.50
CA ASP A 38 17.86 6.14 -9.71
C ASP A 38 18.52 6.92 -8.59
N ASN A 39 17.91 8.04 -8.22
CA ASN A 39 18.46 8.89 -7.17
C ASN A 39 18.90 7.95 -6.07
N TYR A 40 20.07 8.18 -5.52
CA TYR A 40 20.61 7.27 -4.51
C TYR A 40 21.35 8.00 -3.38
N ALA A 41 21.07 7.60 -2.15
CA ALA A 41 21.73 8.19 -0.98
C ALA A 41 22.72 7.19 -0.36
N VAL A 42 23.97 7.59 -0.22
CA VAL A 42 25.00 6.72 0.39
C VAL A 42 25.83 7.44 1.43
N THR A 43 26.08 6.79 2.56
CA THR A 43 26.93 7.41 3.57
C THR A 43 28.35 6.98 3.22
N VAL A 44 29.26 7.94 3.30
CA VAL A 44 30.65 7.72 3.01
C VAL A 44 31.53 8.29 4.11
N MET A 45 32.56 7.55 4.48
CA MET A 45 33.47 7.99 5.53
C MET A 45 34.62 8.76 4.89
N ILE A 46 34.88 9.96 5.39
CA ILE A 46 35.95 10.79 4.89
C ILE A 46 36.73 11.41 6.05
N GLY A 47 38.00 11.04 6.16
CA GLY A 47 38.85 11.55 7.22
C GLY A 47 38.31 11.37 8.63
N GLY A 48 37.68 10.23 8.89
CA GLY A 48 37.15 9.97 10.22
C GLY A 48 35.70 10.39 10.42
N GLU A 49 35.13 11.13 9.46
CA GLU A 49 33.74 11.57 9.58
C GLU A 49 32.80 11.04 8.49
N PRO A 50 31.64 10.50 8.90
CA PRO A 50 30.67 9.99 7.92
C PRO A 50 29.81 11.13 7.35
N TYR A 51 29.58 11.06 6.04
CA TYR A 51 28.79 12.05 5.34
C TYR A 51 27.80 11.34 4.44
N THR A 52 26.67 11.99 4.16
CA THR A 52 25.68 11.39 3.29
C THR A 52 25.62 12.08 1.94
N LEU A 53 25.79 11.29 0.88
CA LEU A 53 25.78 11.75 -0.50
C LEU A 53 24.47 11.39 -1.17
N GLY A 54 23.89 12.37 -1.85
CA GLY A 54 22.65 12.15 -2.59
C GLY A 54 23.07 12.26 -4.06
N LEU A 55 22.99 11.15 -4.80
CA LEU A 55 23.43 11.15 -6.20
C LEU A 55 22.33 11.23 -7.22
N PHE A 56 22.50 12.14 -8.18
CA PHE A 56 21.53 12.35 -9.24
C PHE A 56 22.18 12.27 -10.61
N ASP A 57 21.58 11.49 -11.51
CA ASP A 57 22.07 11.31 -12.87
C ASP A 57 21.21 12.21 -13.78
N THR A 58 21.75 12.61 -14.92
CA THR A 58 21.00 13.46 -15.87
C THR A 58 20.96 12.88 -17.26
N ALA A 59 21.37 11.63 -17.45
CA ALA A 59 21.35 11.04 -18.79
C ALA A 59 19.95 11.10 -19.39
N GLY A 60 19.89 11.38 -20.69
CA GLY A 60 18.61 11.47 -21.36
C GLY A 60 18.06 12.88 -21.38
N GLN A 61 18.59 13.74 -20.52
CA GLN A 61 18.15 15.13 -20.42
C GLN A 61 18.97 16.12 -21.25
N GLU A 62 20.11 15.67 -21.76
CA GLU A 62 21.02 16.52 -22.52
C GLU A 62 20.47 17.41 -23.62
N ASP A 63 19.55 16.90 -24.42
CA ASP A 63 18.97 17.66 -25.51
C ASP A 63 17.61 18.32 -25.22
N TYR A 64 17.27 18.51 -23.93
CA TYR A 64 16.01 19.15 -23.57
C TYR A 64 16.30 20.30 -22.59
N ASP A 65 16.55 21.47 -23.16
CA ASP A 65 16.93 22.66 -22.40
C ASP A 65 16.03 23.10 -21.27
N ARG A 66 14.75 22.77 -21.34
CA ARG A 66 13.85 23.19 -20.26
C ARG A 66 13.62 22.09 -19.23
N LEU A 67 14.10 20.88 -19.51
CA LEU A 67 13.94 19.79 -18.55
C LEU A 67 15.16 19.66 -17.64
N ARG A 68 16.36 19.83 -18.19
CA ARG A 68 17.60 19.72 -17.42
C ARG A 68 17.69 20.57 -16.16
N PRO A 69 17.36 21.88 -16.25
CA PRO A 69 17.45 22.70 -15.04
C PRO A 69 16.53 22.25 -13.89
N LEU A 70 15.57 21.38 -14.19
CA LEU A 70 14.67 20.90 -13.15
C LEU A 70 15.39 20.04 -12.09
N SER A 71 16.59 19.57 -12.41
CA SER A 71 17.37 18.76 -11.47
C SER A 71 18.30 19.62 -10.62
N TYR A 72 18.49 20.87 -11.01
CA TYR A 72 19.44 21.78 -10.35
C TYR A 72 19.20 22.39 -8.97
N PRO A 73 17.96 22.79 -8.65
CA PRO A 73 17.69 23.40 -7.34
C PRO A 73 18.27 22.67 -6.13
N GLN A 74 18.91 23.44 -5.25
CA GLN A 74 19.49 22.91 -4.01
C GLN A 74 20.69 22.01 -4.18
N THR A 75 21.35 22.09 -5.34
CA THR A 75 22.54 21.27 -5.55
C THR A 75 23.70 21.80 -4.73
N ASP A 76 24.45 20.90 -4.09
CA ASP A 76 25.58 21.32 -3.29
C ASP A 76 26.91 21.17 -4.04
N VAL A 77 26.94 20.30 -5.05
CA VAL A 77 28.13 20.08 -5.89
C VAL A 77 27.74 19.49 -7.24
N PHE A 78 28.39 19.96 -8.30
CA PHE A 78 28.15 19.42 -9.64
C PHE A 78 29.40 18.66 -10.08
N LEU A 79 29.19 17.60 -10.86
CA LEU A 79 30.33 16.90 -11.43
C LEU A 79 30.11 17.14 -12.91
N VAL A 80 30.94 17.98 -13.51
CA VAL A 80 30.83 18.29 -14.92
C VAL A 80 31.76 17.32 -15.64
N CYS A 81 31.15 16.33 -16.28
CA CYS A 81 31.91 15.29 -16.95
C CYS A 81 32.15 15.45 -18.42
N PHE A 82 33.26 14.90 -18.85
CA PHE A 82 33.63 14.89 -20.26
C PHE A 82 34.50 13.66 -20.40
N SER A 83 34.41 12.96 -21.52
CA SER A 83 35.24 11.79 -21.74
C SER A 83 36.59 12.28 -22.25
N VAL A 84 37.68 11.87 -21.60
CA VAL A 84 38.99 12.32 -22.06
C VAL A 84 39.30 11.80 -23.46
N VAL A 85 38.39 11.00 -24.00
CA VAL A 85 38.58 10.44 -25.32
C VAL A 85 37.57 11.03 -26.33
N SER A 86 36.82 12.04 -25.91
CA SER A 86 35.87 12.72 -26.78
C SER A 86 36.11 14.24 -26.78
N PRO A 87 36.86 14.74 -27.76
CA PRO A 87 37.14 16.19 -27.81
C PRO A 87 35.87 17.04 -27.75
N SER A 88 34.84 16.64 -28.48
CA SER A 88 33.58 17.38 -28.50
C SER A 88 32.96 17.53 -27.11
N SER A 89 33.03 16.48 -26.30
CA SER A 89 32.45 16.57 -24.96
C SER A 89 33.27 17.50 -24.09
N PHE A 90 34.56 17.62 -24.37
CA PHE A 90 35.43 18.51 -23.62
C PHE A 90 35.08 19.96 -23.97
N GLU A 91 34.90 20.22 -25.27
CA GLU A 91 34.56 21.56 -25.73
C GLU A 91 33.20 22.00 -25.16
N ASN A 92 32.24 21.08 -25.10
CA ASN A 92 30.91 21.36 -24.57
C ASN A 92 30.95 21.82 -23.11
N VAL A 93 31.98 21.41 -22.39
CA VAL A 93 32.12 21.80 -20.99
C VAL A 93 32.12 23.32 -20.85
N LYS A 94 32.90 24.02 -21.67
CA LYS A 94 32.93 25.47 -21.56
C LYS A 94 31.89 26.19 -22.39
N GLU A 95 31.43 25.56 -23.47
CA GLU A 95 30.43 26.19 -24.32
C GLU A 95 29.00 25.95 -23.80
N LYS A 96 28.76 24.80 -23.18
CA LYS A 96 27.43 24.46 -22.71
C LYS A 96 27.24 24.25 -21.22
N TRP A 97 27.88 23.21 -20.68
CA TRP A 97 27.72 22.85 -19.28
C TRP A 97 28.06 23.86 -18.18
N VAL A 98 29.25 24.43 -18.18
CA VAL A 98 29.55 25.39 -17.12
C VAL A 98 28.68 26.65 -17.21
N PRO A 99 28.49 27.20 -18.41
CA PRO A 99 27.66 28.40 -18.52
C PRO A 99 26.27 28.14 -17.94
N GLU A 100 25.75 26.94 -18.17
CA GLU A 100 24.43 26.62 -17.67
C GLU A 100 24.30 26.47 -16.15
N ILE A 101 25.22 25.74 -15.52
CA ILE A 101 25.12 25.58 -14.08
C ILE A 101 25.52 26.84 -13.32
N THR A 102 26.28 27.71 -13.98
CA THR A 102 26.70 28.96 -13.36
C THR A 102 25.47 29.88 -13.34
N HIS A 103 24.70 29.84 -14.42
CA HIS A 103 23.49 30.63 -14.54
C HIS A 103 22.45 30.23 -13.50
N HIS A 104 22.21 28.91 -13.36
CA HIS A 104 21.22 28.41 -12.41
C HIS A 104 21.69 28.28 -10.97
N CYS A 105 22.97 28.02 -10.76
CA CYS A 105 23.47 27.88 -9.39
C CYS A 105 24.82 28.57 -9.22
N PRO A 106 24.82 29.91 -9.27
CA PRO A 106 26.02 30.75 -9.14
C PRO A 106 26.96 30.46 -7.97
N LYS A 107 26.42 30.18 -6.79
CA LYS A 107 27.25 29.90 -5.63
C LYS A 107 27.61 28.43 -5.45
N THR A 108 27.19 27.60 -6.40
CA THR A 108 27.45 26.17 -6.32
C THR A 108 28.74 25.67 -6.97
N PRO A 109 29.65 25.13 -6.17
CA PRO A 109 30.93 24.62 -6.67
C PRO A 109 30.76 23.41 -7.59
N PHE A 110 31.77 23.15 -8.41
CA PHE A 110 31.73 22.02 -9.33
C PHE A 110 33.14 21.52 -9.58
N LEU A 111 33.23 20.24 -9.94
CA LEU A 111 34.52 19.66 -10.25
C LEU A 111 34.46 19.36 -11.72
N LEU A 112 35.60 19.40 -12.38
CA LEU A 112 35.68 19.07 -13.79
C LEU A 112 36.06 17.57 -13.69
N VAL A 113 35.24 16.69 -14.28
CA VAL A 113 35.54 15.26 -14.17
C VAL A 113 35.87 14.61 -15.49
N GLY A 114 37.13 14.19 -15.61
CA GLY A 114 37.62 13.50 -16.79
C GLY A 114 37.16 12.05 -16.69
N THR A 115 36.61 11.57 -17.79
CA THR A 115 36.03 10.24 -17.84
C THR A 115 36.70 9.29 -18.86
N GLN A 116 36.46 7.98 -18.68
CA GLN A 116 36.97 6.93 -19.58
C GLN A 116 38.48 6.93 -19.83
N ILE A 117 39.27 7.22 -18.81
CA ILE A 117 40.72 7.29 -18.97
C ILE A 117 41.35 5.95 -19.40
N ASP A 118 40.68 4.84 -19.09
CA ASP A 118 41.20 3.55 -19.50
C ASP A 118 41.33 3.50 -21.01
N LEU A 119 40.55 4.31 -21.72
CA LEU A 119 40.61 4.33 -23.18
C LEU A 119 41.68 5.25 -23.74
N ARG A 120 42.22 6.15 -22.91
CA ARG A 120 43.23 7.09 -23.40
C ARG A 120 44.48 6.43 -23.98
N ASP A 121 44.76 5.19 -23.58
CA ASP A 121 45.92 4.48 -24.09
C ASP A 121 45.53 3.32 -25.03
N ASP A 122 44.24 3.18 -25.29
CA ASP A 122 43.75 2.11 -26.17
C ASP A 122 44.11 2.38 -27.62
N PRO A 123 45.08 1.63 -28.18
CA PRO A 123 45.51 1.80 -29.57
C PRO A 123 44.39 2.10 -30.57
N SER A 124 43.38 1.25 -30.59
CA SER A 124 42.27 1.39 -31.49
C SER A 124 41.54 2.73 -31.34
N THR A 125 41.46 3.21 -30.10
CA THR A 125 40.80 4.47 -29.81
C THR A 125 41.67 5.62 -30.29
N ILE A 126 42.96 5.53 -30.03
CA ILE A 126 43.92 6.55 -30.45
C ILE A 126 43.87 6.66 -31.97
N GLU A 127 43.88 5.49 -32.61
CA GLU A 127 43.85 5.39 -34.07
C GLU A 127 42.61 6.02 -34.72
N LYS A 128 41.42 5.79 -34.15
CA LYS A 128 40.20 6.36 -34.72
C LYS A 128 40.16 7.87 -34.52
N LEU A 129 40.66 8.34 -33.38
CA LEU A 129 40.68 9.78 -33.17
C LEU A 129 41.64 10.38 -34.19
N ALA A 130 42.78 9.72 -34.39
CA ALA A 130 43.79 10.20 -35.33
C ALA A 130 43.25 10.40 -36.74
N LYS A 131 42.35 9.53 -37.19
CA LYS A 131 41.76 9.64 -38.51
C LYS A 131 40.94 10.94 -38.61
N ASN A 132 40.59 11.52 -37.47
CA ASN A 132 39.84 12.77 -37.44
C ASN A 132 40.77 13.90 -37.04
N LYS A 133 42.06 13.62 -37.06
CA LYS A 133 43.04 14.63 -36.70
C LYS A 133 42.82 15.12 -35.28
N GLN A 134 42.42 14.20 -34.40
CA GLN A 134 42.17 14.48 -33.00
C GLN A 134 43.00 13.56 -32.11
N LYS A 135 43.22 13.98 -30.88
CA LYS A 135 43.96 13.18 -29.91
C LYS A 135 43.16 13.20 -28.61
N PRO A 136 43.50 12.32 -27.65
CA PRO A 136 42.74 12.34 -26.41
C PRO A 136 43.14 13.52 -25.53
N ILE A 137 42.26 13.92 -24.63
CA ILE A 137 42.53 15.04 -23.73
C ILE A 137 43.54 14.62 -22.68
N THR A 138 44.53 15.47 -22.43
CA THR A 138 45.54 15.18 -21.43
C THR A 138 45.14 15.85 -20.12
N PRO A 139 45.55 15.28 -18.99
CA PRO A 139 45.18 15.91 -17.72
C PRO A 139 45.67 17.34 -17.63
N GLU A 140 46.76 17.64 -18.33
CA GLU A 140 47.32 18.99 -18.33
C GLU A 140 46.31 19.95 -18.97
N THR A 141 45.81 19.57 -20.14
CA THR A 141 44.85 20.38 -20.86
C THR A 141 43.57 20.54 -20.02
N ALA A 142 43.19 19.50 -19.30
CA ALA A 142 41.99 19.56 -18.46
C ALA A 142 42.23 20.48 -17.26
N GLU A 143 43.39 20.34 -16.62
CA GLU A 143 43.71 21.17 -15.46
C GLU A 143 43.69 22.64 -15.85
N LYS A 144 44.12 22.95 -17.07
CA LYS A 144 44.12 24.33 -17.51
C LYS A 144 42.68 24.81 -17.59
N LEU A 145 41.82 24.07 -18.30
CA LEU A 145 40.42 24.48 -18.42
C LEU A 145 39.75 24.56 -17.04
N ALA A 146 40.21 23.74 -16.10
CA ALA A 146 39.64 23.75 -14.75
C ALA A 146 39.91 25.09 -14.09
N ARG A 147 41.12 25.61 -14.26
CA ARG A 147 41.47 26.91 -13.67
C ARG A 147 40.68 28.03 -14.35
N ASP A 148 40.66 28.01 -15.68
CA ASP A 148 39.96 29.04 -16.45
C ASP A 148 38.48 29.15 -16.09
N LEU A 149 37.82 28.00 -15.96
CA LEU A 149 36.40 27.96 -15.64
C LEU A 149 36.11 28.05 -14.15
N LYS A 150 37.19 28.09 -13.37
CA LYS A 150 37.08 28.19 -11.92
C LYS A 150 36.34 27.02 -11.29
N ALA A 151 36.84 25.82 -11.59
CA ALA A 151 36.29 24.60 -11.04
C ALA A 151 37.05 24.47 -9.73
N VAL A 152 36.55 23.68 -8.78
CA VAL A 152 37.29 23.52 -7.55
C VAL A 152 38.55 22.75 -7.89
N LYS A 153 38.48 21.97 -8.96
CA LYS A 153 39.62 21.18 -9.43
C LYS A 153 39.24 20.15 -10.50
N TYR A 154 40.26 19.48 -11.01
CA TYR A 154 40.05 18.44 -12.02
C TYR A 154 40.36 17.09 -11.41
N VAL A 155 39.59 16.07 -11.80
CA VAL A 155 39.82 14.72 -11.33
C VAL A 155 39.47 13.80 -12.50
N GLU A 156 40.05 12.60 -12.51
CA GLU A 156 39.86 11.63 -13.57
C GLU A 156 39.52 10.29 -12.98
N CYS A 157 38.83 9.46 -13.75
CA CYS A 157 38.45 8.15 -13.28
C CYS A 157 38.11 7.25 -14.45
N SER A 158 38.00 5.96 -14.15
CA SER A 158 37.64 4.95 -15.14
C SER A 158 36.59 4.10 -14.46
N ALA A 159 35.39 4.03 -15.04
CA ALA A 159 34.31 3.23 -14.46
C ALA A 159 34.68 1.75 -14.54
N LEU A 160 35.23 1.36 -15.69
CA LEU A 160 35.63 -0.01 -15.96
C LEU A 160 36.63 -0.53 -14.94
N THR A 161 37.70 0.22 -14.78
CA THR A 161 38.82 -0.09 -13.89
C THR A 161 38.66 0.35 -12.43
N GLN A 162 37.87 1.40 -12.21
CA GLN A 162 37.62 1.99 -10.90
C GLN A 162 38.78 2.87 -10.44
N LYS A 163 39.77 3.04 -11.30
CA LYS A 163 40.90 3.91 -10.98
C LYS A 163 40.34 5.33 -10.81
N GLY A 164 40.66 5.95 -9.67
CA GLY A 164 40.20 7.29 -9.39
C GLY A 164 38.72 7.48 -9.15
N LEU A 165 37.93 6.40 -9.13
CA LEU A 165 36.49 6.53 -8.92
C LEU A 165 36.13 7.02 -7.51
N LYS A 166 36.64 6.32 -6.48
CA LYS A 166 36.35 6.70 -5.10
C LYS A 166 36.72 8.15 -4.83
N ASN A 167 37.92 8.50 -5.27
CA ASN A 167 38.44 9.84 -5.08
C ASN A 167 37.53 10.92 -5.65
N VAL A 168 37.02 10.70 -6.86
CA VAL A 168 36.12 11.67 -7.46
C VAL A 168 35.01 12.06 -6.48
N PHE A 169 34.36 11.06 -5.89
CA PHE A 169 33.28 11.38 -4.97
C PHE A 169 33.72 11.88 -3.60
N ASP A 170 34.94 11.56 -3.20
CA ASP A 170 35.45 12.06 -1.92
C ASP A 170 35.65 13.56 -2.11
N GLU A 171 36.26 13.95 -3.24
CA GLU A 171 36.49 15.36 -3.55
C GLU A 171 35.16 16.11 -3.70
N ALA A 172 34.17 15.48 -4.32
CA ALA A 172 32.86 16.11 -4.49
C ALA A 172 32.34 16.50 -3.10
N ILE A 173 32.45 15.56 -2.16
CA ILE A 173 31.99 15.82 -0.79
C ILE A 173 32.80 16.94 -0.15
N LEU A 174 34.12 16.82 -0.20
CA LEU A 174 34.99 17.84 0.37
C LEU A 174 34.67 19.22 -0.18
N ALA A 175 34.51 19.31 -1.49
CA ALA A 175 34.20 20.59 -2.13
C ALA A 175 32.87 21.18 -1.65
N ALA A 176 31.87 20.34 -1.43
CA ALA A 176 30.57 20.83 -0.96
C ALA A 176 30.62 21.37 0.46
N LEU A 177 31.54 20.87 1.27
CA LEU A 177 31.68 21.31 2.66
C LEU A 177 32.25 22.73 2.83
N GLU A 178 33.04 23.20 1.85
CA GLU A 178 33.65 24.53 1.93
C GLU A 178 32.64 25.66 2.14
N ASP B 1 19.11 -21.40 -23.25
CA ASP B 1 19.38 -20.00 -23.71
C ASP B 1 20.02 -19.91 -25.09
N MET B 2 21.29 -20.30 -25.17
CA MET B 2 22.03 -20.23 -26.43
C MET B 2 21.91 -18.81 -26.98
N LEU B 3 22.27 -17.83 -26.17
CA LEU B 3 22.20 -16.45 -26.59
C LEU B 3 23.57 -15.86 -26.92
N THR B 4 23.63 -15.17 -28.06
CA THR B 4 24.84 -14.52 -28.51
C THR B 4 24.95 -13.23 -27.71
N PRO B 5 26.14 -12.62 -27.66
CA PRO B 5 26.30 -11.37 -26.90
C PRO B 5 25.16 -10.38 -27.20
N THR B 6 24.82 -10.24 -28.49
CA THR B 6 23.75 -9.32 -28.89
C THR B 6 22.37 -9.71 -28.38
N GLU B 7 22.00 -10.98 -28.56
CA GLU B 7 20.70 -11.47 -28.11
C GLU B 7 20.57 -11.35 -26.58
N ARG B 8 21.66 -11.57 -25.86
CA ARG B 8 21.65 -11.47 -24.42
C ARG B 8 21.48 -10.02 -23.99
N LYS B 9 22.11 -9.10 -24.72
CA LYS B 9 21.97 -7.68 -24.41
C LYS B 9 20.51 -7.24 -24.58
N ARG B 10 19.85 -7.80 -25.59
CA ARG B 10 18.46 -7.47 -25.85
C ARG B 10 17.63 -7.82 -24.62
N GLN B 11 17.72 -9.08 -24.20
CA GLN B 11 16.97 -9.56 -23.06
C GLN B 11 17.29 -8.78 -21.80
N GLY B 12 18.56 -8.46 -21.62
CA GLY B 12 18.96 -7.71 -20.46
C GLY B 12 18.27 -6.35 -20.44
N TYR B 13 18.26 -5.65 -21.56
CA TYR B 13 17.62 -4.35 -21.60
C TYR B 13 16.10 -4.43 -21.43
N ILE B 14 15.50 -5.55 -21.83
CA ILE B 14 14.06 -5.69 -21.68
C ILE B 14 13.79 -5.96 -20.21
N HIS B 15 14.71 -6.67 -19.56
CA HIS B 15 14.59 -6.97 -18.15
C HIS B 15 14.71 -5.67 -17.35
N GLU B 16 15.65 -4.83 -17.76
CA GLU B 16 15.84 -3.55 -17.09
C GLU B 16 14.60 -2.64 -17.26
N LEU B 17 13.97 -2.69 -18.43
CA LEU B 17 12.78 -1.88 -18.68
C LEU B 17 11.74 -2.25 -17.60
N ILE B 18 11.48 -3.55 -17.48
CA ILE B 18 10.50 -4.05 -16.53
C ILE B 18 10.81 -3.79 -15.06
N VAL B 19 12.03 -4.10 -14.63
CA VAL B 19 12.41 -3.89 -13.23
C VAL B 19 12.38 -2.42 -12.84
N THR B 20 12.85 -1.53 -13.72
CA THR B 20 12.82 -0.10 -13.43
C THR B 20 11.41 0.47 -13.47
N GLU B 21 10.51 -0.17 -14.21
CA GLU B 21 9.15 0.29 -14.24
C GLU B 21 8.49 -0.10 -12.90
N GLU B 22 8.79 -1.31 -12.41
CA GLU B 22 8.28 -1.78 -11.12
C GLU B 22 8.73 -0.80 -10.02
N ASN B 23 10.03 -0.48 -10.00
CA ASN B 23 10.59 0.42 -8.99
C ASN B 23 10.03 1.83 -9.12
N TYR B 24 9.74 2.25 -10.34
CA TYR B 24 9.20 3.58 -10.58
C TYR B 24 7.79 3.69 -10.03
N VAL B 25 6.93 2.76 -10.45
CA VAL B 25 5.56 2.74 -10.00
C VAL B 25 5.53 2.55 -8.47
N ASN B 26 6.46 1.76 -7.95
CA ASN B 26 6.49 1.59 -6.49
C ASN B 26 6.79 2.96 -5.84
N ASP B 27 7.76 3.70 -6.39
CA ASP B 27 8.10 5.03 -5.87
C ASP B 27 6.96 6.04 -6.02
N LEU B 28 6.19 5.95 -7.10
CA LEU B 28 5.08 6.87 -7.29
C LEU B 28 4.03 6.67 -6.19
N GLN B 29 3.73 5.42 -5.88
CA GLN B 29 2.75 5.10 -4.86
C GLN B 29 3.25 5.41 -3.45
N LEU B 30 4.55 5.30 -3.23
CA LEU B 30 5.13 5.60 -1.93
C LEU B 30 4.91 7.07 -1.58
N VAL B 31 5.18 7.96 -2.56
CA VAL B 31 5.01 9.39 -2.40
C VAL B 31 3.60 9.77 -2.00
N THR B 32 2.59 9.14 -2.61
CA THR B 32 1.21 9.43 -2.27
C THR B 32 0.94 8.99 -0.83
N GLU B 33 1.41 7.80 -0.50
CA GLU B 33 1.20 7.28 0.83
C GLU B 33 1.91 8.06 1.95
N ILE B 34 3.20 8.30 1.79
CA ILE B 34 3.91 8.97 2.88
C ILE B 34 4.13 10.48 2.83
N PHE B 35 3.87 11.10 1.69
CA PHE B 35 4.04 12.54 1.58
C PHE B 35 2.74 13.29 1.23
N GLN B 36 2.12 12.92 0.11
CA GLN B 36 0.90 13.57 -0.33
C GLN B 36 -0.28 13.57 0.65
N LYS B 37 -0.71 12.39 1.11
CA LYS B 37 -1.82 12.30 2.05
C LYS B 37 -1.52 13.01 3.39
N PRO B 38 -0.37 12.73 4.00
CA PRO B 38 -0.04 13.39 5.28
C PRO B 38 -0.03 14.91 5.14
N LEU B 39 0.56 15.42 4.06
CA LEU B 39 0.61 16.87 3.89
C LEU B 39 -0.78 17.44 3.69
N MET B 40 -1.63 16.75 2.94
CA MET B 40 -2.99 17.26 2.74
C MET B 40 -3.81 17.25 4.03
N GLU B 41 -3.56 16.27 4.90
CA GLU B 41 -4.29 16.17 6.17
C GLU B 41 -3.66 17.00 7.27
N SER B 42 -2.50 17.58 6.99
CA SER B 42 -1.77 18.35 8.00
C SER B 42 -2.31 19.73 8.38
N GLU B 43 -2.99 20.40 7.46
CA GLU B 43 -3.52 21.72 7.73
C GLU B 43 -2.37 22.74 7.74
N LEU B 44 -1.27 22.34 7.12
CA LEU B 44 -0.12 23.22 7.01
C LEU B 44 -0.25 23.97 5.69
N LEU B 45 -0.97 23.36 4.74
CA LEU B 45 -1.16 23.93 3.41
C LEU B 45 -2.63 23.98 3.01
N THR B 46 -2.96 24.90 2.12
CA THR B 46 -4.32 24.98 1.59
C THR B 46 -4.38 23.94 0.47
N GLU B 47 -5.60 23.60 0.04
CA GLU B 47 -5.75 22.62 -1.03
C GLU B 47 -4.98 23.12 -2.24
N LYS B 48 -5.04 24.42 -2.50
CA LYS B 48 -4.33 24.98 -3.63
C LYS B 48 -2.83 24.70 -3.58
N GLU B 49 -2.24 24.80 -2.40
CA GLU B 49 -0.80 24.58 -2.23
C GLU B 49 -0.41 23.11 -2.35
N VAL B 50 -1.22 22.22 -1.81
CA VAL B 50 -0.93 20.81 -1.91
C VAL B 50 -0.91 20.44 -3.40
N ALA B 51 -1.92 20.91 -4.14
CA ALA B 51 -2.01 20.64 -5.56
C ALA B 51 -0.85 21.25 -6.35
N MET B 52 -0.29 22.35 -5.86
CA MET B 52 0.84 22.98 -6.55
C MET B 52 2.09 22.10 -6.43
N ILE B 53 2.11 21.26 -5.41
CA ILE B 53 3.25 20.38 -5.20
C ILE B 53 3.12 19.08 -5.94
N PHE B 54 1.98 18.44 -5.81
CA PHE B 54 1.75 17.15 -6.42
C PHE B 54 1.03 17.15 -7.78
N VAL B 55 0.47 18.29 -8.16
CA VAL B 55 -0.22 18.44 -9.43
C VAL B 55 -1.05 17.22 -9.77
N ASN B 56 -0.77 16.55 -10.90
CA ASN B 56 -1.58 15.37 -11.27
C ASN B 56 -0.90 14.00 -10.99
N TRP B 57 -0.16 13.92 -9.90
CA TRP B 57 0.53 12.70 -9.50
C TRP B 57 -0.35 11.46 -9.63
N LYS B 58 -1.63 11.61 -9.29
CA LYS B 58 -2.58 10.51 -9.37
C LYS B 58 -2.72 9.98 -10.81
N GLU B 59 -2.74 10.88 -11.79
CA GLU B 59 -2.86 10.46 -13.21
C GLU B 59 -1.61 9.70 -13.63
N LEU B 60 -0.45 10.12 -13.13
CA LEU B 60 0.82 9.46 -13.45
C LEU B 60 0.76 8.01 -12.95
N ILE B 61 0.24 7.83 -11.75
CA ILE B 61 0.11 6.49 -11.21
C ILE B 61 -0.79 5.64 -12.10
N MET B 62 -2.01 6.10 -12.38
CA MET B 62 -2.91 5.33 -13.23
C MET B 62 -2.25 4.98 -14.57
N CYS B 63 -1.67 5.98 -15.20
CA CYS B 63 -1.01 5.81 -16.49
C CYS B 63 0.10 4.74 -16.52
N ASN B 64 0.99 4.73 -15.52
CA ASN B 64 2.07 3.74 -15.49
C ASN B 64 1.66 2.36 -14.98
N ILE B 65 0.62 2.31 -14.16
CA ILE B 65 0.15 1.03 -13.67
C ILE B 65 -0.41 0.28 -14.88
N LYS B 66 -1.01 1.01 -15.81
CA LYS B 66 -1.52 0.37 -17.01
C LYS B 66 -0.35 -0.18 -17.85
N LEU B 67 0.76 0.52 -17.89
CA LEU B 67 1.94 0.05 -18.64
C LEU B 67 2.58 -1.17 -17.94
N LEU B 68 2.72 -1.11 -16.62
CA LEU B 68 3.34 -2.19 -15.85
C LEU B 68 2.53 -3.47 -16.01
N LYS B 69 1.21 -3.36 -15.87
CA LYS B 69 0.35 -4.53 -16.00
C LYS B 69 0.52 -5.21 -17.35
N ALA B 70 0.64 -4.43 -18.42
CA ALA B 70 0.81 -4.99 -19.77
C ALA B 70 2.20 -5.63 -19.89
N LEU B 71 3.21 -5.01 -19.27
CA LEU B 71 4.56 -5.54 -19.32
C LEU B 71 4.59 -6.87 -18.56
N ARG B 72 3.90 -6.93 -17.41
CA ARG B 72 3.84 -8.17 -16.63
C ARG B 72 3.10 -9.25 -17.40
N VAL B 73 2.00 -8.91 -18.07
CA VAL B 73 1.27 -9.92 -18.82
C VAL B 73 2.16 -10.51 -19.91
N ARG B 74 2.85 -9.64 -20.65
CA ARG B 74 3.74 -10.12 -21.70
C ARG B 74 4.86 -11.00 -21.11
N LYS B 75 5.41 -10.57 -19.98
CA LYS B 75 6.48 -11.32 -19.33
C LYS B 75 6.02 -12.73 -18.95
N LYS B 76 4.83 -12.84 -18.38
CA LYS B 76 4.26 -14.12 -17.98
C LYS B 76 4.03 -15.01 -19.21
N MET B 77 3.45 -14.41 -20.25
CA MET B 77 3.18 -15.11 -21.50
C MET B 77 4.49 -15.66 -22.09
N SER B 78 5.53 -14.84 -22.05
CA SER B 78 6.85 -15.22 -22.57
C SER B 78 7.36 -16.54 -21.99
N GLY B 79 7.25 -16.70 -20.69
CA GLY B 79 7.72 -17.93 -20.07
C GLY B 79 8.78 -17.71 -19.00
N GLU B 80 8.75 -18.58 -18.00
CA GLU B 80 9.65 -18.56 -16.85
C GLU B 80 11.07 -18.08 -17.16
N LYS B 81 11.85 -18.92 -17.83
CA LYS B 81 13.23 -18.59 -18.17
C LYS B 81 13.35 -18.57 -19.69
N MET B 82 12.34 -18.00 -20.33
CA MET B 82 12.32 -17.90 -21.79
C MET B 82 12.50 -16.45 -22.16
N PRO B 83 13.05 -16.19 -23.35
CA PRO B 83 13.28 -14.83 -23.83
C PRO B 83 11.99 -14.15 -24.31
N VAL B 84 11.82 -12.88 -23.97
CA VAL B 84 10.63 -12.17 -24.43
C VAL B 84 10.91 -11.83 -25.89
N LYS B 85 10.04 -12.31 -26.76
CA LYS B 85 10.17 -12.11 -28.19
C LYS B 85 9.74 -10.74 -28.70
N MET B 86 8.73 -10.16 -28.06
CA MET B 86 8.22 -8.84 -28.47
C MET B 86 7.90 -7.97 -27.26
N ILE B 87 8.30 -6.70 -27.32
CA ILE B 87 7.98 -5.78 -26.23
C ILE B 87 7.63 -4.40 -26.82
N GLY B 88 8.11 -4.13 -28.03
CA GLY B 88 7.85 -2.87 -28.68
C GLY B 88 6.40 -2.54 -28.96
N ASP B 89 5.55 -3.55 -29.22
CA ASP B 89 4.14 -3.27 -29.47
C ASP B 89 3.47 -2.68 -28.23
N ILE B 90 3.85 -3.15 -27.06
CA ILE B 90 3.27 -2.62 -25.84
C ILE B 90 3.69 -1.17 -25.64
N LEU B 91 4.98 -0.89 -25.80
CA LEU B 91 5.48 0.46 -25.62
C LEU B 91 4.83 1.40 -26.62
N SER B 92 4.82 0.98 -27.87
CA SER B 92 4.25 1.78 -28.93
C SER B 92 2.79 2.16 -28.64
N ALA B 93 2.02 1.22 -28.09
CA ALA B 93 0.62 1.49 -27.79
C ALA B 93 0.43 2.31 -26.51
N GLN B 94 1.37 2.18 -25.59
CA GLN B 94 1.28 2.85 -24.30
C GLN B 94 1.76 4.31 -24.28
N LEU B 95 2.91 4.58 -24.88
CA LEU B 95 3.47 5.93 -24.86
C LEU B 95 2.51 7.10 -25.12
N PRO B 96 1.55 6.94 -26.05
CA PRO B 96 0.59 8.00 -26.34
C PRO B 96 -0.36 8.32 -25.17
N HIS B 97 -0.50 7.39 -24.23
CA HIS B 97 -1.35 7.62 -23.07
C HIS B 97 -0.59 8.40 -22.01
N MET B 98 0.62 8.84 -22.35
CA MET B 98 1.44 9.53 -21.36
C MET B 98 1.37 11.06 -21.37
N GLN B 99 0.40 11.62 -22.09
CA GLN B 99 0.24 13.07 -22.13
C GLN B 99 0.22 13.70 -20.72
N PRO B 100 -0.29 12.99 -19.70
CA PRO B 100 -0.31 13.55 -18.34
C PRO B 100 1.06 14.13 -17.86
N TYR B 101 2.15 13.55 -18.36
CA TYR B 101 3.49 14.03 -17.99
C TYR B 101 3.77 15.46 -18.38
N ILE B 102 3.09 15.92 -19.44
CA ILE B 102 3.27 17.29 -19.92
C ILE B 102 2.80 18.23 -18.82
N ARG B 103 1.58 18.03 -18.35
CA ARG B 103 1.05 18.87 -17.30
C ARG B 103 1.91 18.81 -16.04
N PHE B 104 2.25 17.60 -15.59
CA PHE B 104 3.05 17.48 -14.36
C PHE B 104 4.37 18.21 -14.42
N CYS B 105 5.22 17.89 -15.40
CA CYS B 105 6.52 18.52 -15.50
C CYS B 105 6.47 20.02 -15.76
N SER B 106 5.44 20.48 -16.45
CA SER B 106 5.33 21.90 -16.73
C SER B 106 4.99 22.70 -15.46
N ARG B 107 4.56 22.02 -14.41
CA ARG B 107 4.18 22.71 -13.18
C ARG B 107 4.97 22.33 -11.94
N GLN B 108 5.83 21.32 -12.05
CA GLN B 108 6.59 20.86 -10.89
C GLN B 108 7.59 21.87 -10.29
N LEU B 109 8.24 22.66 -11.14
CA LEU B 109 9.22 23.61 -10.63
C LEU B 109 8.58 24.55 -9.62
N ASN B 110 7.41 25.08 -9.95
CA ASN B 110 6.72 26.01 -9.05
C ASN B 110 6.32 25.30 -7.78
N GLY B 111 6.24 23.98 -7.84
CA GLY B 111 5.90 23.21 -6.66
C GLY B 111 7.15 23.07 -5.80
N ALA B 112 8.30 22.92 -6.44
CA ALA B 112 9.55 22.79 -5.72
C ALA B 112 9.85 24.11 -4.99
N ALA B 113 9.66 25.23 -5.68
CA ALA B 113 9.91 26.54 -5.07
C ALA B 113 9.02 26.75 -3.85
N LEU B 114 7.78 26.31 -3.95
CA LEU B 114 6.82 26.43 -2.84
C LEU B 114 7.29 25.61 -1.63
N ILE B 115 7.75 24.39 -1.88
CA ILE B 115 8.25 23.54 -0.81
C ILE B 115 9.42 24.25 -0.13
N GLN B 116 10.33 24.75 -0.94
CA GLN B 116 11.51 25.45 -0.44
C GLN B 116 11.12 26.67 0.39
N GLN B 117 10.22 27.48 -0.15
CA GLN B 117 9.77 28.68 0.54
C GLN B 117 9.17 28.31 1.91
N LYS B 118 8.28 27.33 1.92
CA LYS B 118 7.65 26.87 3.15
C LYS B 118 8.68 26.31 4.12
N THR B 119 9.64 25.56 3.60
CA THR B 119 10.69 24.97 4.43
C THR B 119 11.46 26.04 5.20
N ASP B 120 11.84 27.11 4.51
CA ASP B 120 12.60 28.19 5.11
C ASP B 120 11.82 29.19 5.97
N GLU B 121 10.57 29.47 5.61
CA GLU B 121 9.77 30.42 6.37
C GLU B 121 9.01 29.81 7.56
N ALA B 122 9.00 28.48 7.66
CA ALA B 122 8.27 27.83 8.74
C ALA B 122 8.99 26.61 9.32
N PRO B 123 9.31 26.65 10.61
CA PRO B 123 10.00 25.53 11.26
C PRO B 123 9.13 24.27 11.30
N ASP B 124 7.83 24.46 11.48
CA ASP B 124 6.90 23.33 11.54
C ASP B 124 6.93 22.53 10.25
N PHE B 125 6.75 23.21 9.13
CA PHE B 125 6.77 22.55 7.83
C PHE B 125 8.07 21.78 7.60
N LYS B 126 9.20 22.45 7.76
CA LYS B 126 10.49 21.80 7.54
C LYS B 126 10.63 20.52 8.38
N GLU B 127 10.24 20.61 9.65
CA GLU B 127 10.35 19.47 10.55
C GLU B 127 9.39 18.34 10.17
N PHE B 128 8.14 18.69 9.91
CA PHE B 128 7.13 17.70 9.53
C PHE B 128 7.60 16.92 8.31
N VAL B 129 8.08 17.62 7.29
CA VAL B 129 8.54 16.98 6.07
C VAL B 129 9.75 16.08 6.30
N LYS B 130 10.59 16.44 7.27
CA LYS B 130 11.77 15.63 7.57
C LYS B 130 11.30 14.33 8.22
N ARG B 131 10.29 14.47 9.08
CA ARG B 131 9.73 13.32 9.77
C ARG B 131 9.06 12.38 8.78
N LEU B 132 8.37 12.92 7.78
CA LEU B 132 7.72 12.04 6.82
C LEU B 132 8.77 11.25 6.03
N GLU B 133 9.90 11.90 5.75
CA GLU B 133 10.99 11.27 5.00
C GLU B 133 11.74 10.19 5.77
N MET B 134 11.61 10.16 7.09
CA MET B 134 12.30 9.14 7.89
C MET B 134 11.75 7.74 7.60
N ASP B 135 10.64 7.65 6.89
CA ASP B 135 10.12 6.32 6.56
C ASP B 135 11.23 5.62 5.78
N PRO B 136 11.70 4.45 6.27
CA PRO B 136 12.77 3.71 5.59
C PRO B 136 12.58 3.45 4.11
N ARG B 137 11.33 3.46 3.65
CA ARG B 137 11.06 3.21 2.23
C ARG B 137 11.61 4.34 1.35
N CYS B 138 11.84 5.50 1.95
CA CYS B 138 12.40 6.64 1.21
C CYS B 138 13.89 6.44 0.92
N LYS B 139 14.52 5.49 1.63
CA LYS B 139 15.93 5.17 1.45
C LYS B 139 16.81 6.39 1.63
N GLY B 140 16.43 7.28 2.54
CA GLY B 140 17.22 8.46 2.79
C GLY B 140 17.09 9.63 1.82
N MET B 141 16.18 9.55 0.85
CA MET B 141 16.01 10.65 -0.08
C MET B 141 14.82 11.54 0.35
N PRO B 142 14.94 12.86 0.14
CA PRO B 142 13.84 13.75 0.54
C PRO B 142 12.72 13.86 -0.50
N LEU B 143 11.60 14.47 -0.09
CA LEU B 143 10.45 14.64 -0.97
C LEU B 143 10.80 15.30 -2.29
N SER B 144 11.54 16.41 -2.22
CA SER B 144 11.93 17.16 -3.42
C SER B 144 12.67 16.29 -4.45
N SER B 145 13.31 15.22 -4.01
CA SER B 145 14.02 14.36 -4.96
C SER B 145 13.06 13.40 -5.68
N PHE B 146 12.00 12.96 -5.00
CA PHE B 146 11.05 12.07 -5.63
C PHE B 146 10.21 12.81 -6.67
N ILE B 147 9.98 14.10 -6.44
CA ILE B 147 9.22 14.93 -7.37
C ILE B 147 9.88 14.94 -8.75
N LEU B 148 11.18 14.65 -8.79
CA LEU B 148 11.93 14.61 -10.04
C LEU B 148 11.75 13.34 -10.87
N LYS B 149 11.28 12.27 -10.25
CA LYS B 149 11.16 11.01 -10.96
C LYS B 149 10.33 10.96 -12.24
N PRO B 150 9.21 11.71 -12.30
CA PRO B 150 8.43 11.65 -13.54
C PRO B 150 9.21 12.17 -14.75
N MET B 151 9.90 13.30 -14.61
CA MET B 151 10.69 13.86 -15.71
C MET B 151 11.82 12.90 -16.07
N GLN B 152 12.44 12.32 -15.05
CA GLN B 152 13.51 11.37 -15.25
C GLN B 152 13.01 10.14 -16.00
N ARG B 153 11.81 9.70 -15.66
CA ARG B 153 11.27 8.51 -16.32
C ARG B 153 11.03 8.74 -17.82
N VAL B 154 10.36 9.84 -18.18
CA VAL B 154 10.09 10.11 -19.60
C VAL B 154 11.36 10.29 -20.40
N THR B 155 12.34 11.00 -19.81
CA THR B 155 13.59 11.22 -20.51
C THR B 155 14.47 9.97 -20.58
N ARG B 156 14.04 8.91 -19.90
CA ARG B 156 14.82 7.66 -19.91
C ARG B 156 14.25 6.58 -20.83
N TYR B 157 12.94 6.63 -21.13
CA TYR B 157 12.37 5.64 -22.04
C TYR B 157 13.12 5.60 -23.38
N PRO B 158 13.42 6.78 -23.98
CA PRO B 158 14.14 6.76 -25.26
C PRO B 158 15.45 5.98 -25.14
N LEU B 159 16.16 6.20 -24.03
CA LEU B 159 17.43 5.52 -23.77
C LEU B 159 17.24 4.01 -23.68
N ILE B 160 16.28 3.56 -22.88
CA ILE B 160 16.02 2.14 -22.73
C ILE B 160 15.60 1.50 -24.05
N ILE B 161 14.67 2.14 -24.76
CA ILE B 161 14.14 1.63 -26.01
C ILE B 161 15.24 1.57 -27.05
N LYS B 162 16.08 2.61 -27.08
CA LYS B 162 17.19 2.68 -28.02
C LYS B 162 18.14 1.48 -27.78
N ASN B 163 18.47 1.19 -26.53
CA ASN B 163 19.36 0.07 -26.24
C ASN B 163 18.70 -1.22 -26.61
N ILE B 164 17.38 -1.32 -26.45
CA ILE B 164 16.72 -2.57 -26.84
C ILE B 164 16.74 -2.70 -28.37
N LEU B 165 16.42 -1.62 -29.06
CA LEU B 165 16.37 -1.61 -30.52
C LEU B 165 17.71 -1.97 -31.15
N GLU B 166 18.79 -1.37 -30.65
CA GLU B 166 20.14 -1.61 -31.18
C GLU B 166 20.60 -3.06 -31.12
N ASN B 167 19.94 -3.86 -30.30
CA ASN B 167 20.28 -5.26 -30.15
C ASN B 167 19.15 -6.11 -30.68
N THR B 168 18.33 -5.51 -31.51
CA THR B 168 17.23 -6.20 -32.14
C THR B 168 17.45 -6.09 -33.65
N PRO B 169 17.70 -7.22 -34.32
CA PRO B 169 17.92 -7.21 -35.77
C PRO B 169 16.74 -6.76 -36.66
N GLU B 170 17.10 -6.27 -37.84
CA GLU B 170 16.17 -5.78 -38.85
C GLU B 170 14.97 -6.66 -39.16
N ASN B 171 15.14 -7.97 -39.19
CA ASN B 171 14.03 -8.86 -39.52
C ASN B 171 13.29 -9.48 -38.32
N HIS B 172 13.71 -9.10 -37.13
CA HIS B 172 13.10 -9.59 -35.91
C HIS B 172 11.66 -9.05 -35.84
N PRO B 173 10.71 -9.87 -35.38
CA PRO B 173 9.32 -9.40 -35.30
C PRO B 173 9.08 -8.19 -34.38
N ASP B 174 10.10 -7.77 -33.63
CA ASP B 174 9.95 -6.62 -32.72
C ASP B 174 10.63 -5.36 -33.26
N HIS B 175 11.36 -5.47 -34.36
CA HIS B 175 12.07 -4.31 -34.88
C HIS B 175 11.22 -3.07 -35.24
N SER B 176 10.17 -3.26 -36.03
CA SER B 176 9.34 -2.13 -36.41
C SER B 176 8.67 -1.49 -35.20
N HIS B 177 8.10 -2.31 -34.32
CA HIS B 177 7.46 -1.79 -33.11
C HIS B 177 8.42 -0.95 -32.27
N LEU B 178 9.67 -1.40 -32.13
CA LEU B 178 10.63 -0.63 -31.33
C LEU B 178 11.02 0.67 -32.02
N LYS B 179 11.12 0.65 -33.35
CA LYS B 179 11.44 1.88 -34.08
C LYS B 179 10.33 2.88 -33.82
N HIS B 180 9.09 2.40 -33.88
CA HIS B 180 7.91 3.24 -33.64
C HIS B 180 7.89 3.74 -32.21
N ALA B 181 8.12 2.84 -31.26
CA ALA B 181 8.12 3.23 -29.85
C ALA B 181 9.19 4.30 -29.60
N LEU B 182 10.39 4.11 -30.14
CA LEU B 182 11.44 5.09 -29.95
C LEU B 182 10.95 6.47 -30.38
N GLU B 183 10.34 6.52 -31.55
CA GLU B 183 9.84 7.80 -32.06
C GLU B 183 8.79 8.41 -31.13
N LYS B 184 7.84 7.60 -30.68
CA LYS B 184 6.81 8.12 -29.79
C LYS B 184 7.47 8.66 -28.51
N ALA B 185 8.40 7.90 -27.95
CA ALA B 185 9.08 8.29 -26.72
C ALA B 185 9.81 9.61 -26.88
N GLU B 186 10.45 9.80 -28.04
CA GLU B 186 11.17 11.05 -28.29
C GLU B 186 10.18 12.23 -28.47
N GLU B 187 9.12 12.01 -29.23
CA GLU B 187 8.13 13.07 -29.45
C GLU B 187 7.56 13.47 -28.08
N LEU B 188 7.34 12.48 -27.22
CA LEU B 188 6.79 12.74 -25.90
C LEU B 188 7.72 13.66 -25.11
N CYS B 189 9.02 13.34 -25.07
CA CYS B 189 9.97 14.17 -24.33
C CYS B 189 9.94 15.58 -24.86
N SER B 190 9.89 15.67 -26.19
CA SER B 190 9.86 16.95 -26.86
C SER B 190 8.61 17.74 -26.45
N GLN B 191 7.46 17.06 -26.38
CA GLN B 191 6.24 17.73 -25.95
C GLN B 191 6.31 18.16 -24.49
N VAL B 192 6.97 17.37 -23.65
CA VAL B 192 7.09 17.72 -22.26
C VAL B 192 8.04 18.93 -22.13
N ASN B 193 9.09 18.93 -22.94
CA ASN B 193 10.05 20.01 -22.92
C ASN B 193 9.35 21.30 -23.34
N GLU B 194 8.58 21.25 -24.41
CA GLU B 194 7.89 22.45 -24.87
C GLU B 194 6.81 22.90 -23.89
N GLY B 195 6.12 21.95 -23.28
CA GLY B 195 5.08 22.31 -22.33
C GLY B 195 5.68 23.11 -21.18
N VAL B 196 6.89 22.78 -20.79
CA VAL B 196 7.55 23.49 -19.71
C VAL B 196 7.83 24.92 -20.18
N ARG B 197 8.35 25.02 -21.40
CA ARG B 197 8.66 26.32 -21.99
C ARG B 197 7.40 27.19 -22.08
N GLU B 198 6.32 26.62 -22.61
CA GLU B 198 5.06 27.34 -22.77
C GLU B 198 4.48 27.80 -21.43
N LYS B 199 4.65 27.00 -20.38
CA LYS B 199 4.15 27.37 -19.05
C LYS B 199 5.01 28.47 -18.41
N GLU B 200 6.33 28.40 -18.61
CA GLU B 200 7.23 29.42 -18.08
C GLU B 200 6.82 30.76 -18.72
N ASN B 201 6.63 30.74 -20.03
CA ASN B 201 6.22 31.95 -20.74
C ASN B 201 4.89 32.51 -20.20
N SER B 202 3.95 31.61 -19.94
CA SER B 202 2.64 32.01 -19.42
C SER B 202 2.78 32.63 -18.03
N ASP B 203 3.69 32.08 -17.22
CA ASP B 203 3.91 32.60 -15.87
C ASP B 203 4.62 33.94 -15.91
N ARG B 204 5.55 34.12 -16.85
CA ARG B 204 6.25 35.40 -16.97
C ARG B 204 5.25 36.49 -17.37
N LEU B 205 4.36 36.17 -18.31
CA LEU B 205 3.35 37.11 -18.79
C LEU B 205 2.35 37.46 -17.68
N GLU B 206 2.04 36.49 -16.83
CA GLU B 206 1.12 36.71 -15.71
C GLU B 206 1.79 37.65 -14.71
N TRP B 207 3.09 37.48 -14.55
CA TRP B 207 3.84 38.32 -13.63
C TRP B 207 3.70 39.76 -14.12
N ILE B 208 4.23 40.00 -15.32
CA ILE B 208 4.18 41.31 -15.94
C ILE B 208 2.78 41.91 -15.86
N GLN B 209 1.77 41.08 -16.09
CA GLN B 209 0.38 41.53 -16.07
C GLN B 209 -0.01 42.15 -14.74
N ALA B 210 0.75 41.86 -13.68
CA ALA B 210 0.44 42.39 -12.36
C ALA B 210 1.50 43.35 -11.83
N HIS B 211 2.41 43.77 -12.69
CA HIS B 211 3.47 44.67 -12.26
C HIS B 211 3.72 45.84 -13.21
N VAL B 212 2.99 45.90 -14.30
CA VAL B 212 3.17 47.00 -15.24
C VAL B 212 1.90 47.82 -15.30
N GLN B 213 2.05 49.12 -15.10
CA GLN B 213 0.92 50.04 -15.11
C GLN B 213 0.63 50.46 -16.55
N CYS B 214 -0.45 49.92 -17.11
CA CYS B 214 -0.85 50.24 -18.48
C CYS B 214 -2.07 51.14 -18.45
N GLU B 215 -1.90 52.30 -17.81
CA GLU B 215 -2.95 53.29 -17.67
C GLU B 215 -3.64 53.67 -18.98
N GLY B 216 -4.97 53.72 -18.94
CA GLY B 216 -5.77 54.09 -20.08
C GLY B 216 -5.19 53.83 -21.45
N LEU B 217 -5.65 52.76 -22.08
CA LEU B 217 -5.20 52.39 -23.42
C LEU B 217 -6.42 52.21 -24.31
N SER B 218 -7.60 52.38 -23.71
CA SER B 218 -8.88 52.25 -24.40
C SER B 218 -9.14 50.81 -24.81
N GLU B 219 -8.39 49.87 -24.22
CA GLU B 219 -8.54 48.47 -24.56
C GLU B 219 -8.20 47.53 -23.39
N GLN B 220 -7.39 48.02 -22.45
CA GLN B 220 -6.97 47.22 -21.30
C GLN B 220 -6.09 46.06 -21.76
N LEU B 221 -4.78 46.24 -21.62
CA LEU B 221 -3.82 45.25 -22.04
C LEU B 221 -3.79 43.97 -21.20
N VAL B 222 -4.07 42.84 -21.87
CA VAL B 222 -4.06 41.53 -21.23
C VAL B 222 -2.88 40.79 -21.84
N PHE B 223 -1.74 40.88 -21.17
CA PHE B 223 -0.52 40.25 -21.67
C PHE B 223 -0.62 38.78 -22.00
N ASN B 224 -1.21 38.00 -21.12
CA ASN B 224 -1.32 36.56 -21.35
C ASN B 224 -2.53 36.19 -22.20
N SER B 225 -2.53 36.63 -23.45
CA SER B 225 -3.61 36.34 -24.39
C SER B 225 -3.01 36.27 -25.79
N VAL B 226 -3.85 36.08 -26.80
CA VAL B 226 -3.38 35.98 -28.18
C VAL B 226 -3.12 37.35 -28.80
N THR B 227 -2.15 37.41 -29.72
CA THR B 227 -1.84 38.65 -30.40
C THR B 227 -2.74 38.76 -31.62
N ASN B 228 -2.71 39.91 -32.29
CA ASN B 228 -3.55 40.12 -33.47
C ASN B 228 -3.40 39.03 -34.55
N CYS B 229 -2.17 38.59 -34.83
CA CYS B 229 -1.98 37.60 -35.87
C CYS B 229 -0.72 36.75 -35.74
N LEU B 230 -0.16 36.63 -34.54
CA LEU B 230 1.04 35.85 -34.35
C LEU B 230 0.84 34.64 -33.42
N GLY B 231 -0.37 34.53 -32.86
CA GLY B 231 -0.62 33.44 -31.94
C GLY B 231 -0.55 33.96 -30.52
N PRO B 232 -0.40 33.08 -29.50
CA PRO B 232 -0.32 33.56 -28.11
C PRO B 232 0.87 34.49 -27.96
N ARG B 233 0.75 35.49 -27.10
CA ARG B 233 1.86 36.42 -26.91
C ARG B 233 3.00 35.66 -26.26
N LYS B 234 4.21 35.97 -26.68
CA LYS B 234 5.38 35.34 -26.13
C LYS B 234 6.30 36.43 -25.61
N PHE B 235 6.87 36.22 -24.43
CA PHE B 235 7.80 37.18 -23.86
C PHE B 235 9.13 36.88 -24.53
N LEU B 236 9.85 37.92 -24.96
CA LEU B 236 11.13 37.71 -25.63
C LEU B 236 12.34 38.25 -24.89
N HIS B 237 12.22 39.41 -24.25
CA HIS B 237 13.38 39.99 -23.55
C HIS B 237 13.08 41.26 -22.74
N SER B 238 13.99 41.60 -21.81
CA SER B 238 13.89 42.80 -20.95
C SER B 238 15.21 43.01 -20.21
N GLY B 239 15.57 44.28 -19.95
CA GLY B 239 16.81 44.57 -19.28
C GLY B 239 17.19 46.06 -19.08
N LYS B 240 16.20 46.92 -18.85
CA LYS B 240 16.38 48.34 -18.56
C LYS B 240 16.79 49.24 -19.76
N LEU B 241 17.82 49.93 -19.80
CA LEU B 241 18.00 50.67 -21.09
C LEU B 241 17.36 52.09 -21.14
N TYR B 242 18.25 53.08 -21.07
CA TYR B 242 17.90 54.51 -21.07
C TYR B 242 18.30 55.17 -22.39
N LYS B 243 17.64 56.29 -22.71
CA LYS B 243 17.93 57.03 -23.94
C LYS B 243 19.19 57.87 -23.77
N ALA B 244 20.09 57.80 -24.74
CA ALA B 244 21.32 58.60 -24.67
C ALA B 244 20.88 60.06 -24.66
N LYS B 245 19.73 60.30 -25.27
CA LYS B 245 19.14 61.62 -25.34
C LYS B 245 18.06 61.71 -24.27
N ASN B 246 17.61 62.92 -23.96
CA ASN B 246 16.57 63.13 -22.96
C ASN B 246 17.09 62.69 -21.57
N ASN B 247 16.38 61.74 -20.96
CA ASN B 247 16.76 61.25 -19.63
C ASN B 247 17.00 59.74 -19.64
N LYS B 248 17.11 59.16 -18.45
CA LYS B 248 17.33 57.72 -18.29
C LYS B 248 16.18 57.09 -17.50
N GLU B 249 16.45 56.00 -16.81
CA GLU B 249 15.46 55.30 -15.99
C GLU B 249 14.29 54.75 -16.80
N LEU B 250 14.53 53.72 -17.60
CA LEU B 250 13.49 53.10 -18.41
C LEU B 250 13.73 51.61 -18.49
N TYR B 251 12.74 50.81 -18.08
CA TYR B 251 12.86 49.35 -18.18
C TYR B 251 11.93 48.90 -19.28
N GLY B 252 12.44 48.11 -20.22
CA GLY B 252 11.60 47.66 -21.31
C GLY B 252 11.42 46.16 -21.45
N PHE B 253 10.26 45.76 -21.97
CA PHE B 253 9.96 44.36 -22.19
C PHE B 253 9.62 44.15 -23.65
N LEU B 254 10.25 43.16 -24.27
CA LEU B 254 10.00 42.87 -25.67
C LEU B 254 9.12 41.63 -25.79
N PHE B 255 8.09 41.71 -26.62
CA PHE B 255 7.18 40.60 -26.85
C PHE B 255 7.24 40.28 -28.33
N ASN B 256 6.53 39.24 -28.76
CA ASN B 256 6.58 38.90 -30.18
C ASN B 256 5.81 39.88 -31.06
N ASP B 257 4.94 40.68 -30.46
CA ASP B 257 4.17 41.64 -31.24
C ASP B 257 4.46 43.10 -30.90
N PHE B 258 5.04 43.37 -29.74
CA PHE B 258 5.35 44.76 -29.40
C PHE B 258 6.40 44.97 -28.32
N LEU B 259 7.03 46.13 -28.38
CA LEU B 259 8.07 46.52 -27.42
C LEU B 259 7.44 47.46 -26.40
N LEU B 260 7.56 47.11 -25.12
CA LEU B 260 6.99 47.93 -24.07
C LEU B 260 8.06 48.68 -23.28
N LEU B 261 7.88 49.98 -23.13
CA LEU B 261 8.81 50.81 -22.38
C LEU B 261 8.10 51.24 -21.11
N THR B 262 8.79 51.13 -19.98
CA THR B 262 8.20 51.49 -18.70
C THR B 262 9.19 52.19 -17.78
N GLN B 263 8.74 52.53 -16.58
CA GLN B 263 9.60 53.21 -15.60
C GLN B 263 9.49 52.54 -14.24
N ILE B 264 10.65 52.21 -13.66
CA ILE B 264 10.74 51.55 -12.36
C ILE B 264 10.29 52.46 -11.21
N THR B 265 9.03 52.37 -10.83
CA THR B 265 8.50 53.18 -9.74
C THR B 265 8.89 52.59 -8.39
N LYS B 266 9.60 53.36 -7.58
CA LYS B 266 10.03 52.91 -6.26
C LYS B 266 9.23 53.56 -5.13
N PRO B 267 9.13 52.87 -3.97
CA PRO B 267 8.38 53.36 -2.80
C PRO B 267 8.69 54.78 -2.39
N LYS B 275 14.90 43.00 -10.44
CA LYS B 275 14.51 41.68 -9.87
C LYS B 275 13.77 40.91 -10.95
N VAL B 276 13.83 41.44 -12.18
CA VAL B 276 13.20 40.88 -13.40
C VAL B 276 11.93 40.05 -13.15
N PHE B 277 12.03 39.00 -12.34
CA PHE B 277 10.87 38.19 -12.01
C PHE B 277 11.17 37.67 -10.62
N SER B 278 10.12 37.44 -9.85
CA SER B 278 10.22 36.94 -8.49
C SER B 278 8.97 37.37 -7.73
N PRO B 279 8.52 36.52 -6.79
CA PRO B 279 7.34 36.74 -5.95
C PRO B 279 7.41 38.04 -5.13
N LYS B 280 8.57 38.70 -5.10
CA LYS B 280 8.70 39.96 -4.37
C LYS B 280 8.20 41.15 -5.19
N SER B 281 7.20 41.85 -4.64
CA SER B 281 6.57 43.00 -5.30
C SER B 281 7.52 43.94 -6.03
N ASN B 282 6.93 44.82 -6.84
CA ASN B 282 7.65 45.81 -7.65
C ASN B 282 6.66 46.32 -8.69
N LEU B 283 6.61 47.63 -8.89
CA LEU B 283 5.69 48.20 -9.87
C LEU B 283 6.41 49.06 -10.91
N GLN B 284 5.91 49.00 -12.15
CA GLN B 284 6.50 49.77 -13.24
C GLN B 284 5.40 50.40 -14.09
N TYR B 285 5.56 51.68 -14.41
CA TYR B 285 4.58 52.42 -15.19
C TYR B 285 4.95 52.51 -16.67
N MET B 286 3.97 52.20 -17.52
CA MET B 286 4.16 52.23 -18.97
C MET B 286 4.63 53.60 -19.42
N TYR B 287 5.40 53.65 -20.50
CA TYR B 287 5.90 54.91 -21.03
C TYR B 287 4.89 55.37 -22.08
N LYS B 288 5.35 55.51 -23.32
CA LYS B 288 4.45 55.92 -24.38
C LYS B 288 3.52 54.77 -24.71
N THR B 289 3.05 54.71 -25.95
CA THR B 289 2.16 53.64 -26.39
C THR B 289 3.04 52.46 -26.81
N PRO B 290 2.59 51.22 -26.52
CA PRO B 290 3.41 50.06 -26.91
C PRO B 290 3.74 50.14 -28.41
N ILE B 291 5.02 50.00 -28.72
CA ILE B 291 5.48 50.06 -30.10
C ILE B 291 5.46 48.69 -30.78
N PHE B 292 4.50 48.49 -31.68
CA PHE B 292 4.37 47.23 -32.38
C PHE B 292 5.44 47.01 -33.42
N LEU B 293 6.00 45.80 -33.42
CA LEU B 293 7.08 45.40 -34.32
C LEU B 293 6.78 45.38 -35.82
N ASN B 294 5.51 45.44 -36.19
CA ASN B 294 5.18 45.43 -37.61
C ASN B 294 5.40 46.81 -38.22
N GLU B 295 5.68 47.80 -37.38
CA GLU B 295 5.93 49.17 -37.82
C GLU B 295 7.09 49.75 -37.03
N VAL B 296 8.23 49.08 -37.10
CA VAL B 296 9.43 49.52 -36.39
C VAL B 296 10.66 49.18 -37.22
N LEU B 297 11.76 49.90 -36.95
CA LEU B 297 13.01 49.67 -37.66
C LEU B 297 14.16 49.67 -36.66
N VAL B 298 15.18 48.88 -36.93
CA VAL B 298 16.31 48.81 -36.01
C VAL B 298 17.66 48.88 -36.71
N LYS B 299 18.44 49.89 -36.35
CA LYS B 299 19.78 50.12 -36.88
C LYS B 299 20.64 50.54 -35.70
N LEU B 300 21.93 50.23 -35.75
CA LEU B 300 22.84 50.62 -34.67
C LEU B 300 23.63 51.82 -35.15
N PRO B 301 24.30 52.53 -34.23
CA PRO B 301 25.10 53.69 -34.63
C PRO B 301 26.59 53.52 -34.38
N THR B 302 27.11 52.29 -34.44
CA THR B 302 28.54 52.06 -34.23
C THR B 302 29.27 52.77 -35.36
N ASP B 303 29.18 52.20 -36.56
CA ASP B 303 29.79 52.80 -37.73
C ASP B 303 29.02 54.11 -37.89
N PRO B 304 29.71 55.25 -37.97
CA PRO B 304 29.01 56.53 -38.12
C PRO B 304 27.81 56.49 -39.09
N SER B 305 26.63 56.70 -38.52
CA SER B 305 25.38 56.71 -39.28
C SER B 305 24.23 56.82 -38.27
N GLY B 306 24.62 56.92 -36.99
CA GLY B 306 23.65 57.04 -35.92
C GLY B 306 23.58 58.45 -35.35
N ASP B 307 22.46 58.79 -34.70
CA ASP B 307 22.24 60.09 -34.06
C ASP B 307 22.02 61.18 -35.07
N PHE B 311 22.40 52.47 -30.40
CA PHE B 311 21.18 51.66 -30.72
C PHE B 311 20.00 52.56 -31.10
N HIS B 312 19.62 52.53 -32.38
CA HIS B 312 18.51 53.34 -32.87
C HIS B 312 17.29 52.53 -33.29
N ILE B 313 16.13 53.06 -32.96
CA ILE B 313 14.87 52.40 -33.27
C ILE B 313 13.83 53.39 -33.77
N SER B 314 13.34 53.19 -35.00
CA SER B 314 12.36 54.06 -35.61
C SER B 314 10.91 53.61 -35.46
N HIS B 315 10.03 54.51 -35.03
CA HIS B 315 8.60 54.16 -34.89
C HIS B 315 7.78 55.17 -35.69
N ILE B 316 7.22 54.64 -36.79
CA ILE B 316 6.65 55.44 -37.80
C ILE B 316 6.42 56.90 -37.28
N ASP B 317 7.26 57.80 -37.75
CA ASP B 317 7.32 59.22 -37.42
C ASP B 317 7.81 59.70 -36.06
N ARG B 318 8.72 58.86 -35.52
CA ARG B 318 9.41 59.12 -34.29
C ARG B 318 10.71 58.34 -34.34
N VAL B 319 11.61 58.65 -33.43
CA VAL B 319 12.88 57.95 -33.36
C VAL B 319 13.36 57.90 -31.93
N TYR B 320 13.71 56.70 -31.47
CA TYR B 320 14.20 56.57 -30.12
C TYR B 320 15.66 56.22 -30.10
N THR B 321 16.43 57.07 -29.46
CA THR B 321 17.84 56.79 -29.29
C THR B 321 17.72 55.99 -28.00
N LEU B 322 18.44 54.89 -27.88
CA LEU B 322 18.36 54.10 -26.68
C LEU B 322 19.75 53.51 -26.49
N ARG B 323 20.22 53.49 -25.26
CA ARG B 323 21.54 52.97 -24.93
C ARG B 323 21.41 51.77 -24.00
N ALA B 324 22.15 50.70 -24.31
CA ALA B 324 22.09 49.49 -23.50
C ALA B 324 22.96 49.53 -22.25
N GLU B 325 23.78 48.50 -22.08
CA GLU B 325 24.68 48.40 -20.95
C GLU B 325 25.98 47.74 -21.38
N SER B 326 25.88 46.78 -22.30
CA SER B 326 27.05 46.06 -22.80
C SER B 326 26.95 45.70 -24.27
N ILE B 327 28.06 45.21 -24.82
CA ILE B 327 28.13 44.81 -26.22
C ILE B 327 27.22 43.60 -26.42
N ASN B 328 27.07 42.82 -25.36
CA ASN B 328 26.26 41.61 -25.40
C ASN B 328 24.76 41.91 -25.41
N GLU B 329 24.35 42.95 -24.68
CA GLU B 329 22.94 43.32 -24.61
C GLU B 329 22.51 44.22 -25.76
N ARG B 330 23.41 45.09 -26.21
CA ARG B 330 23.08 45.99 -27.31
C ARG B 330 22.73 45.17 -28.55
N THR B 331 23.69 44.36 -29.01
CA THR B 331 23.46 43.53 -30.18
C THR B 331 22.36 42.50 -29.91
N ALA B 332 21.95 42.41 -28.64
CA ALA B 332 20.92 41.47 -28.22
C ALA B 332 19.51 41.95 -28.58
N TRP B 333 19.18 43.18 -28.19
CA TRP B 333 17.86 43.74 -28.49
C TRP B 333 17.73 43.87 -30.00
N VAL B 334 18.81 44.31 -30.65
CA VAL B 334 18.82 44.48 -32.10
C VAL B 334 18.49 43.13 -32.74
N GLN B 335 19.19 42.10 -32.29
CA GLN B 335 18.99 40.75 -32.81
C GLN B 335 17.54 40.32 -32.72
N LYS B 336 17.00 40.35 -31.51
CA LYS B 336 15.62 39.95 -31.24
C LYS B 336 14.54 40.84 -31.85
N ILE B 337 14.69 42.16 -31.71
CA ILE B 337 13.70 43.08 -32.27
C ILE B 337 13.58 42.89 -33.78
N LYS B 338 14.73 42.78 -34.44
CA LYS B 338 14.78 42.60 -35.89
C LYS B 338 14.17 41.26 -36.31
N ALA B 339 14.57 40.19 -35.64
CA ALA B 339 14.06 38.87 -35.94
C ALA B 339 12.54 38.83 -35.72
N ALA B 340 12.12 39.21 -34.52
CA ALA B 340 10.70 39.23 -34.19
C ALA B 340 9.90 40.09 -35.16
N SER B 341 10.46 41.26 -35.48
CA SER B 341 9.80 42.20 -36.38
C SER B 341 9.58 41.62 -37.77
N GLU B 342 10.65 41.06 -38.35
CA GLU B 342 10.58 40.48 -39.68
C GLU B 342 9.61 39.30 -39.75
N LEU B 343 9.60 38.48 -38.69
CA LEU B 343 8.72 37.32 -38.63
C LEU B 343 7.27 37.81 -38.57
N TYR B 344 7.08 38.98 -37.97
CA TYR B 344 5.76 39.59 -37.84
C TYR B 344 5.36 40.09 -39.23
N ILE B 345 6.32 40.68 -39.93
CA ILE B 345 6.11 41.18 -41.28
C ILE B 345 5.61 40.06 -42.20
N GLU B 346 6.39 38.99 -42.29
CA GLU B 346 6.04 37.87 -43.13
C GLU B 346 4.61 37.37 -42.89
N THR B 347 4.36 37.13 -41.59
CA THR B 347 3.13 36.52 -41.08
C THR B 347 2.04 37.44 -41.39
N GLU B 348 2.36 38.73 -41.50
CA GLU B 348 1.34 39.71 -41.83
C GLU B 348 1.09 39.75 -43.34
N LYS B 349 2.12 39.44 -44.11
CA LYS B 349 1.99 39.43 -45.57
C LYS B 349 1.12 38.27 -46.05
N LYS B 350 0.26 37.79 -45.16
CA LYS B 350 -0.65 36.69 -45.48
C LYS B 350 -2.06 37.05 -45.02
N LYS B 351 -2.41 38.32 -45.15
CA LYS B 351 -3.73 38.78 -44.76
C LYS B 351 -4.42 39.52 -45.91
N ARG B 352 -5.55 40.17 -45.59
CA ARG B 352 -6.35 40.91 -46.57
C ARG B 352 -7.11 39.97 -47.53
N MET C 1 -37.41 -11.49 0.27
CA MET C 1 -37.44 -12.94 -0.02
C MET C 1 -36.59 -13.72 0.97
N GLN C 2 -35.91 -14.73 0.48
CA GLN C 2 -35.03 -15.56 1.31
C GLN C 2 -33.72 -14.81 1.57
N THR C 3 -33.32 -14.74 2.83
CA THR C 3 -32.08 -14.08 3.20
C THR C 3 -30.97 -15.11 3.41
N ILE C 4 -30.02 -15.13 2.49
CA ILE C 4 -28.89 -16.06 2.48
C ILE C 4 -27.77 -15.74 3.47
N LYS C 5 -27.62 -16.60 4.48
CA LYS C 5 -26.56 -16.42 5.46
C LYS C 5 -25.21 -16.90 4.91
N CYS C 6 -24.27 -15.97 4.76
CA CYS C 6 -22.94 -16.26 4.23
C CYS C 6 -21.87 -15.94 5.28
N VAL C 7 -21.08 -16.93 5.67
CA VAL C 7 -20.05 -16.75 6.69
C VAL C 7 -18.64 -16.84 6.12
N VAL C 8 -17.80 -15.86 6.45
CA VAL C 8 -16.44 -15.79 5.94
C VAL C 8 -15.43 -16.30 6.98
N VAL C 9 -14.73 -17.39 6.66
CA VAL C 9 -13.76 -17.97 7.57
C VAL C 9 -12.39 -18.12 6.91
N GLY C 10 -11.38 -18.46 7.73
CA GLY C 10 -10.02 -18.65 7.25
C GLY C 10 -9.06 -18.03 8.24
N ASP C 11 -7.76 -18.22 8.05
CA ASP C 11 -6.76 -17.66 8.97
C ASP C 11 -6.81 -16.15 9.18
N GLY C 12 -6.28 -15.71 10.32
CA GLY C 12 -6.22 -14.29 10.60
C GLY C 12 -5.22 -13.68 9.64
N ALA C 13 -5.45 -12.41 9.26
CA ALA C 13 -4.59 -11.68 8.33
C ALA C 13 -4.68 -12.12 6.87
N VAL C 14 -5.73 -12.84 6.48
CA VAL C 14 -5.86 -13.17 5.06
C VAL C 14 -6.74 -12.10 4.41
N GLY C 15 -7.18 -11.13 5.20
CA GLY C 15 -8.01 -10.06 4.66
C GLY C 15 -9.51 -10.29 4.55
N LYS C 16 -10.07 -11.10 5.44
CA LYS C 16 -11.50 -11.36 5.44
C LYS C 16 -12.29 -10.07 5.69
N THR C 17 -11.91 -9.36 6.75
CA THR C 17 -12.56 -8.11 7.12
C THR C 17 -12.48 -7.08 5.99
N CYS C 18 -11.26 -6.89 5.49
CA CYS C 18 -11.01 -5.94 4.43
C CYS C 18 -11.84 -6.20 3.16
N LEU C 19 -11.98 -7.47 2.76
CA LEU C 19 -12.73 -7.78 1.56
C LEU C 19 -14.22 -7.61 1.77
N LEU C 20 -14.69 -7.80 3.01
CA LEU C 20 -16.10 -7.61 3.30
C LEU C 20 -16.41 -6.11 3.27
N ILE C 21 -15.54 -5.33 3.88
CA ILE C 21 -15.72 -3.88 3.90
C ILE C 21 -15.59 -3.32 2.47
N SER C 22 -14.63 -3.80 1.72
CA SER C 22 -14.44 -3.34 0.38
C SER C 22 -15.68 -3.66 -0.46
N TYR C 23 -16.25 -4.85 -0.31
CA TYR C 23 -17.42 -5.24 -1.07
C TYR C 23 -18.66 -4.42 -0.70
N THR C 24 -18.91 -4.25 0.60
CA THR C 24 -20.09 -3.51 1.01
C THR C 24 -20.01 -1.99 0.91
N THR C 25 -18.81 -1.41 1.01
CA THR C 25 -18.74 0.04 0.92
C THR C 25 -18.45 0.53 -0.49
N ASN C 26 -17.98 -0.37 -1.36
CA ASN C 26 -17.66 -0.06 -2.75
C ASN C 26 -16.31 0.62 -2.92
N LYS C 27 -15.51 0.62 -1.87
CA LYS C 27 -14.20 1.24 -1.93
C LYS C 27 -13.25 0.62 -0.93
N PHE C 28 -12.02 0.37 -1.37
CA PHE C 28 -11.03 -0.19 -0.48
C PHE C 28 -10.74 0.90 0.55
N PRO C 29 -10.68 0.54 1.84
CA PRO C 29 -10.41 1.57 2.86
C PRO C 29 -8.97 2.05 2.75
N SER C 30 -8.78 3.18 2.08
CA SER C 30 -7.45 3.75 1.90
C SER C 30 -6.85 4.12 3.24
N GLU C 31 -7.64 4.82 4.05
CA GLU C 31 -7.23 5.27 5.37
C GLU C 31 -6.39 4.24 6.11
N TYR C 32 -7.07 3.30 6.76
CA TYR C 32 -6.40 2.28 7.52
C TYR C 32 -7.45 1.22 7.81
N VAL C 33 -7.26 0.04 7.22
CA VAL C 33 -8.18 -1.09 7.34
C VAL C 33 -8.90 -1.27 8.69
N PRO C 34 -10.24 -1.12 8.69
CA PRO C 34 -11.01 -1.28 9.94
C PRO C 34 -10.85 -2.72 10.41
N THR C 35 -11.04 -2.96 11.69
CA THR C 35 -10.93 -4.31 12.22
C THR C 35 -12.31 -4.91 12.41
N VAL C 36 -13.31 -4.01 12.38
CA VAL C 36 -14.68 -4.41 12.60
C VAL C 36 -15.61 -4.35 11.38
N PHE C 37 -16.33 -5.44 11.18
CA PHE C 37 -17.34 -5.54 10.13
C PHE C 37 -18.57 -6.13 10.83
N ASP C 38 -19.60 -5.32 11.03
CA ASP C 38 -20.80 -5.81 11.69
C ASP C 38 -21.70 -6.56 10.73
N ASN C 39 -22.44 -7.53 11.26
CA ASN C 39 -23.34 -8.33 10.45
C ASN C 39 -24.04 -7.35 9.53
N TYR C 40 -24.15 -7.71 8.25
CA TYR C 40 -24.74 -6.80 7.28
C TYR C 40 -25.61 -7.50 6.25
N ALA C 41 -26.80 -6.94 5.98
CA ALA C 41 -27.70 -7.50 5.00
C ALA C 41 -27.76 -6.62 3.74
N VAL C 42 -27.49 -7.19 2.57
CA VAL C 42 -27.54 -6.42 1.32
C VAL C 42 -28.30 -7.16 0.23
N THR C 43 -29.15 -6.44 -0.50
CA THR C 43 -29.85 -7.07 -1.60
C THR C 43 -28.95 -6.91 -2.82
N VAL C 44 -28.84 -7.98 -3.59
CA VAL C 44 -28.01 -8.03 -4.78
C VAL C 44 -28.82 -8.60 -5.94
N MET C 45 -28.66 -7.99 -7.11
CA MET C 45 -29.35 -8.46 -8.30
C MET C 45 -28.46 -9.48 -9.02
N ILE C 46 -29.02 -10.64 -9.33
CA ILE C 46 -28.29 -11.68 -10.03
C ILE C 46 -29.18 -12.29 -11.13
N GLY C 47 -28.75 -12.10 -12.37
CA GLY C 47 -29.49 -12.64 -13.50
C GLY C 47 -30.95 -12.22 -13.57
N GLY C 48 -31.25 -10.97 -13.22
CA GLY C 48 -32.62 -10.50 -13.27
C GLY C 48 -33.40 -10.66 -11.97
N GLU C 49 -32.84 -11.39 -11.00
CA GLU C 49 -33.54 -11.59 -9.73
C GLU C 49 -32.80 -11.04 -8.50
N PRO C 50 -33.50 -10.29 -7.65
CA PRO C 50 -32.88 -9.74 -6.44
C PRO C 50 -32.85 -10.77 -5.31
N TYR C 51 -31.72 -10.81 -4.60
CA TYR C 51 -31.53 -11.73 -3.49
C TYR C 51 -30.96 -10.97 -2.31
N THR C 52 -31.21 -11.46 -1.11
CA THR C 52 -30.68 -10.81 0.07
C THR C 52 -29.57 -11.63 0.71
N LEU C 53 -28.42 -10.99 0.87
CA LEU C 53 -27.23 -11.58 1.47
C LEU C 53 -27.03 -11.09 2.89
N GLY C 54 -26.77 -12.04 3.79
CA GLY C 54 -26.51 -11.70 5.19
C GLY C 54 -25.03 -12.04 5.38
N LEU C 55 -24.21 -11.02 5.61
CA LEU C 55 -22.77 -11.23 5.74
C LEU C 55 -22.25 -11.24 7.16
N PHE C 56 -21.45 -12.26 7.48
CA PHE C 56 -20.86 -12.43 8.80
C PHE C 56 -19.35 -12.60 8.71
N ASP C 57 -18.62 -11.83 9.53
CA ASP C 57 -17.18 -11.88 9.58
C ASP C 57 -16.79 -12.71 10.83
N THR C 58 -15.61 -13.32 10.80
CA THR C 58 -15.16 -14.13 11.94
C THR C 58 -13.79 -13.72 12.45
N ALA C 59 -13.28 -12.57 12.02
CA ALA C 59 -11.96 -12.12 12.48
C ALA C 59 -11.93 -12.03 14.00
N GLY C 60 -10.81 -12.43 14.59
CA GLY C 60 -10.68 -12.38 16.03
C GLY C 60 -11.08 -13.68 16.69
N GLN C 61 -11.81 -14.53 15.96
CA GLN C 61 -12.29 -15.80 16.48
C GLN C 61 -11.38 -17.00 16.16
N GLU C 62 -10.42 -16.79 15.26
CA GLU C 62 -9.52 -17.84 14.80
C GLU C 62 -8.86 -18.75 15.82
N ASP C 63 -8.38 -18.18 16.92
CA ASP C 63 -7.72 -18.96 17.96
C ASP C 63 -8.59 -19.36 19.16
N TYR C 64 -9.91 -19.36 18.99
CA TYR C 64 -10.81 -19.74 20.08
C TYR C 64 -11.79 -20.81 19.56
N ASP C 65 -11.35 -22.07 19.68
CA ASP C 65 -12.09 -23.21 19.16
C ASP C 65 -13.53 -23.39 19.60
N ARG C 66 -13.89 -22.87 20.76
CA ARG C 66 -15.27 -23.04 21.21
C ARG C 66 -16.13 -21.80 20.91
N LEU C 67 -15.50 -20.72 20.45
CA LEU C 67 -16.27 -19.52 20.12
C LEU C 67 -16.64 -19.49 18.63
N ARG C 68 -15.72 -19.91 17.77
CA ARG C 68 -15.96 -19.92 16.32
C ARG C 68 -17.22 -20.63 15.84
N PRO C 69 -17.46 -21.86 16.31
CA PRO C 69 -18.67 -22.55 15.85
C PRO C 69 -19.99 -21.85 16.20
N LEU C 70 -19.93 -20.88 17.12
CA LEU C 70 -21.14 -20.16 17.49
C LEU C 70 -21.71 -19.32 16.34
N SER C 71 -20.89 -19.07 15.31
CA SER C 71 -21.35 -18.29 14.14
C SER C 71 -21.92 -19.20 13.04
N TYR C 72 -21.70 -20.50 13.17
CA TYR C 72 -22.10 -21.47 12.13
C TYR C 72 -23.54 -21.90 11.89
N PRO C 73 -24.35 -22.05 12.94
CA PRO C 73 -25.75 -22.47 12.75
C PRO C 73 -26.54 -21.72 11.67
N GLN C 74 -27.24 -22.47 10.84
CA GLN C 74 -28.07 -21.93 9.77
C GLN C 74 -27.33 -21.24 8.65
N THR C 75 -26.04 -21.54 8.49
CA THR C 75 -25.28 -20.95 7.39
C THR C 75 -25.70 -21.58 6.07
N ASP C 76 -25.87 -20.74 5.04
CA ASP C 76 -26.25 -21.24 3.73
C ASP C 76 -25.05 -21.38 2.79
N VAL C 77 -23.98 -20.64 3.06
CA VAL C 77 -22.73 -20.70 2.27
C VAL C 77 -21.55 -20.20 3.09
N PHE C 78 -20.41 -20.88 2.95
CA PHE C 78 -19.19 -20.46 3.61
C PHE C 78 -18.20 -19.95 2.57
N LEU C 79 -17.39 -18.96 2.94
CA LEU C 79 -16.35 -18.50 2.04
C LEU C 79 -15.12 -18.87 2.85
N VAL C 80 -14.39 -19.90 2.40
CA VAL C 80 -13.18 -20.32 3.08
C VAL C 80 -12.04 -19.59 2.40
N CYS C 81 -11.50 -18.60 3.10
CA CYS C 81 -10.46 -17.76 2.55
C CYS C 81 -9.04 -18.12 2.91
N PHE C 82 -8.15 -17.79 1.99
CA PHE C 82 -6.74 -18.00 2.20
C PHE C 82 -6.09 -16.93 1.32
N SER C 83 -4.99 -16.35 1.77
CA SER C 83 -4.29 -15.36 0.96
C SER C 83 -3.41 -16.12 -0.03
N VAL C 84 -3.54 -15.81 -1.32
CA VAL C 84 -2.71 -16.51 -2.30
C VAL C 84 -1.23 -16.19 -2.11
N VAL C 85 -0.94 -15.32 -1.14
CA VAL C 85 0.42 -14.94 -0.87
C VAL C 85 0.90 -15.47 0.51
N SER C 86 0.07 -16.31 1.13
CA SER C 86 0.42 -16.91 2.42
C SER C 86 0.26 -18.43 2.37
N PRO C 87 1.36 -19.16 2.10
CA PRO C 87 1.28 -20.63 2.02
C PRO C 87 0.63 -21.26 3.24
N SER C 88 0.98 -20.77 4.43
CA SER C 88 0.43 -21.30 5.67
C SER C 88 -1.10 -21.20 5.72
N SER C 89 -1.66 -20.10 5.23
CA SER C 89 -3.11 -19.95 5.26
C SER C 89 -3.76 -20.91 4.28
N PHE C 90 -3.05 -21.25 3.21
CA PHE C 90 -3.57 -22.19 2.22
C PHE C 90 -3.59 -23.59 2.83
N GLU C 91 -2.51 -23.95 3.51
CA GLU C 91 -2.43 -25.27 4.16
C GLU C 91 -3.51 -25.43 5.23
N ASN C 92 -3.77 -24.36 5.98
CA ASN C 92 -4.79 -24.39 7.03
C ASN C 92 -6.18 -24.68 6.49
N VAL C 93 -6.41 -24.36 5.22
CA VAL C 93 -7.70 -24.62 4.60
C VAL C 93 -8.07 -26.09 4.71
N LYS C 94 -7.14 -26.99 4.38
CA LYS C 94 -7.46 -28.42 4.46
C LYS C 94 -7.19 -29.04 5.81
N GLU C 95 -6.27 -28.47 6.58
CA GLU C 95 -5.96 -29.01 7.89
C GLU C 95 -6.91 -28.50 8.97
N LYS C 96 -7.38 -27.27 8.83
CA LYS C 96 -8.25 -26.67 9.84
C LYS C 96 -9.67 -26.27 9.42
N TRP C 97 -9.76 -25.30 8.52
CA TRP C 97 -11.05 -24.78 8.09
C TRP C 97 -12.08 -25.70 7.46
N VAL C 98 -11.74 -26.45 6.42
CA VAL C 98 -12.76 -27.32 5.83
C VAL C 98 -13.19 -28.45 6.81
N PRO C 99 -12.24 -29.08 7.50
CA PRO C 99 -12.63 -30.14 8.43
C PRO C 99 -13.64 -29.59 9.46
N GLU C 100 -13.43 -28.36 9.90
CA GLU C 100 -14.33 -27.79 10.89
C GLU C 100 -15.74 -27.47 10.40
N ILE C 101 -15.86 -26.83 9.24
CA ILE C 101 -17.19 -26.50 8.76
C ILE C 101 -17.94 -27.72 8.23
N THR C 102 -17.20 -28.77 7.89
CA THR C 102 -17.82 -29.99 7.40
C THR C 102 -18.42 -30.69 8.61
N HIS C 103 -17.70 -30.64 9.72
CA HIS C 103 -18.16 -31.25 10.97
C HIS C 103 -19.44 -30.57 11.49
N HIS C 104 -19.45 -29.24 11.50
CA HIS C 104 -20.60 -28.48 12.00
C HIS C 104 -21.73 -28.28 11.00
N CYS C 105 -21.41 -28.20 9.71
CA CYS C 105 -22.46 -27.99 8.70
C CYS C 105 -22.24 -28.87 7.48
N PRO C 106 -22.40 -30.20 7.65
CA PRO C 106 -22.21 -31.20 6.58
C PRO C 106 -22.90 -30.93 5.23
N LYS C 107 -24.13 -30.44 5.26
CA LYS C 107 -24.85 -30.18 4.01
C LYS C 107 -24.65 -28.77 3.46
N THR C 108 -23.79 -27.99 4.11
CA THR C 108 -23.55 -26.61 3.71
C THR C 108 -22.41 -26.41 2.71
N PRO C 109 -22.73 -25.92 1.51
CA PRO C 109 -21.72 -25.69 0.48
C PRO C 109 -20.74 -24.57 0.87
N PHE C 110 -19.58 -24.55 0.23
CA PHE C 110 -18.57 -23.54 0.49
C PHE C 110 -17.74 -23.29 -0.75
N LEU C 111 -17.18 -22.11 -0.84
CA LEU C 111 -16.33 -21.76 -1.96
C LEU C 111 -14.96 -21.61 -1.37
N LEU C 112 -13.94 -21.89 -2.16
CA LEU C 112 -12.57 -21.73 -1.73
C LEU C 112 -12.29 -20.31 -2.26
N VAL C 113 -11.91 -19.38 -1.38
CA VAL C 113 -11.67 -18.03 -1.85
C VAL C 113 -10.24 -17.57 -1.73
N GLY C 114 -9.61 -17.36 -2.88
CA GLY C 114 -8.23 -16.89 -2.94
C GLY C 114 -8.26 -15.40 -2.71
N THR C 115 -7.39 -14.95 -1.83
CA THR C 115 -7.32 -13.56 -1.43
C THR C 115 -6.01 -12.83 -1.75
N GLN C 116 -6.05 -11.49 -1.75
CA GLN C 116 -4.87 -10.64 -1.98
C GLN C 116 -4.09 -10.90 -3.26
N ILE C 117 -4.78 -11.21 -4.35
CA ILE C 117 -4.12 -11.51 -5.61
C ILE C 117 -3.29 -10.35 -6.16
N ASP C 118 -3.63 -9.12 -5.79
CA ASP C 118 -2.88 -7.97 -6.24
C ASP C 118 -1.42 -8.11 -5.79
N LEU C 119 -1.20 -8.85 -4.71
CA LEU C 119 0.16 -9.02 -4.20
C LEU C 119 0.93 -10.18 -4.87
N ARG C 120 0.22 -11.05 -5.58
CA ARG C 120 0.89 -12.18 -6.23
C ARG C 120 1.98 -11.79 -7.22
N ASP C 121 1.92 -10.58 -7.76
CA ASP C 121 2.93 -10.12 -8.70
C ASP C 121 3.82 -9.02 -8.11
N ASP C 122 3.62 -8.71 -6.84
CA ASP C 122 4.42 -7.68 -6.17
C ASP C 122 5.84 -8.15 -5.92
N PRO C 123 6.81 -7.62 -6.67
CA PRO C 123 8.23 -8.01 -6.52
C PRO C 123 8.68 -8.24 -5.07
N SER C 124 8.46 -7.24 -4.23
CA SER C 124 8.86 -7.30 -2.84
C SER C 124 8.24 -8.48 -2.09
N THR C 125 7.01 -8.80 -2.44
CA THR C 125 6.29 -9.90 -1.81
C THR C 125 6.87 -11.22 -2.30
N ILE C 126 7.12 -11.31 -3.61
CA ILE C 126 7.69 -12.51 -4.21
C ILE C 126 9.06 -12.77 -3.57
N GLU C 127 9.84 -11.70 -3.46
CA GLU C 127 11.17 -11.75 -2.87
C GLU C 127 11.22 -12.23 -1.42
N LYS C 128 10.30 -11.76 -0.58
CA LYS C 128 10.29 -12.19 0.82
C LYS C 128 9.85 -13.64 0.94
N LEU C 129 8.92 -14.06 0.10
CA LEU C 129 8.49 -15.46 0.15
C LEU C 129 9.69 -16.31 -0.28
N ALA C 130 10.40 -15.86 -1.31
CA ALA C 130 11.55 -16.59 -1.83
C ALA C 130 12.62 -16.85 -0.77
N LYS C 131 12.83 -15.90 0.14
CA LYS C 131 13.81 -16.06 1.20
C LYS C 131 13.40 -17.21 2.13
N ASN C 132 12.13 -17.60 2.07
CA ASN C 132 11.64 -18.71 2.88
C ASN C 132 11.44 -19.92 2.00
N LYS C 133 11.97 -19.85 0.78
CA LYS C 133 11.84 -20.97 -0.15
C LYS C 133 10.38 -21.26 -0.44
N GLN C 134 9.57 -20.20 -0.50
CA GLN C 134 8.15 -20.29 -0.79
C GLN C 134 7.78 -19.42 -1.99
N LYS C 135 6.67 -19.74 -2.62
CA LYS C 135 6.17 -18.97 -3.75
C LYS C 135 4.68 -18.73 -3.51
N PRO C 136 4.07 -17.81 -4.28
CA PRO C 136 2.64 -17.59 -4.07
C PRO C 136 1.81 -18.71 -4.65
N ILE C 137 0.58 -18.87 -4.14
CA ILE C 137 -0.31 -19.91 -4.61
C ILE C 137 -0.85 -19.55 -5.98
N THR C 138 -0.84 -20.52 -6.90
CA THR C 138 -1.34 -20.28 -8.24
C THR C 138 -2.79 -20.75 -8.32
N PRO C 139 -3.61 -20.12 -9.19
CA PRO C 139 -5.00 -20.56 -9.26
C PRO C 139 -5.12 -22.02 -9.60
N GLU C 140 -4.13 -22.56 -10.30
CA GLU C 140 -4.14 -23.98 -10.66
C GLU C 140 -4.07 -24.82 -9.39
N THR C 141 -3.11 -24.50 -8.53
CA THR C 141 -2.94 -25.22 -7.28
C THR C 141 -4.19 -25.09 -6.41
N ALA C 142 -4.84 -23.92 -6.46
CA ALA C 142 -6.05 -23.71 -5.67
C ALA C 142 -7.21 -24.52 -6.25
N GLU C 143 -7.35 -24.50 -7.58
CA GLU C 143 -8.43 -25.25 -8.22
C GLU C 143 -8.31 -26.73 -7.90
N LYS C 144 -7.09 -27.22 -7.80
CA LYS C 144 -6.90 -28.62 -7.48
C LYS C 144 -7.43 -28.88 -6.08
N LEU C 145 -6.97 -28.10 -5.10
CA LEU C 145 -7.45 -28.28 -3.73
C LEU C 145 -8.97 -28.11 -3.63
N ALA C 146 -9.53 -27.28 -4.50
CA ALA C 146 -10.97 -27.06 -4.49
C ALA C 146 -11.70 -28.35 -4.85
N ARG C 147 -11.18 -29.07 -5.84
CA ARG C 147 -11.79 -30.34 -6.25
C ARG C 147 -11.64 -31.39 -5.15
N ASP C 148 -10.43 -31.51 -4.63
CA ASP C 148 -10.14 -32.48 -3.57
C ASP C 148 -11.02 -32.32 -2.34
N LEU C 149 -11.20 -31.07 -1.91
CA LEU C 149 -12.01 -30.78 -0.73
C LEU C 149 -13.49 -30.66 -1.03
N LYS C 150 -13.82 -30.79 -2.31
CA LYS C 150 -15.21 -30.71 -2.76
C LYS C 150 -15.87 -29.38 -2.45
N ALA C 151 -15.23 -28.32 -2.91
CA ALA C 151 -15.74 -26.97 -2.75
C ALA C 151 -16.64 -26.82 -3.97
N VAL C 152 -17.57 -25.87 -3.96
CA VAL C 152 -18.41 -25.70 -5.13
C VAL C 152 -17.51 -25.18 -6.24
N LYS C 153 -16.43 -24.51 -5.84
CA LYS C 153 -15.46 -23.97 -6.79
C LYS C 153 -14.46 -23.01 -6.14
N TYR C 154 -13.50 -22.57 -6.94
CA TYR C 154 -12.50 -21.63 -6.48
C TYR C 154 -12.72 -20.28 -7.15
N VAL C 155 -12.50 -19.21 -6.39
CA VAL C 155 -12.63 -17.85 -6.92
C VAL C 155 -11.54 -17.03 -6.26
N GLU C 156 -11.12 -15.94 -6.92
CA GLU C 156 -10.07 -15.06 -6.43
C GLU C 156 -10.53 -13.64 -6.48
N CYS C 157 -9.94 -12.81 -5.65
CA CYS C 157 -10.30 -11.40 -5.61
C CYS C 157 -9.21 -10.59 -4.95
N SER C 158 -9.32 -9.27 -5.11
CA SER C 158 -8.39 -8.33 -4.50
C SER C 158 -9.27 -7.25 -3.89
N ALA C 159 -9.16 -7.07 -2.59
CA ALA C 159 -9.96 -6.04 -1.89
C ALA C 159 -9.51 -4.66 -2.35
N LEU C 160 -8.20 -4.49 -2.45
CA LEU C 160 -7.59 -3.24 -2.87
C LEU C 160 -8.07 -2.76 -4.23
N THR C 161 -7.95 -3.66 -5.21
CA THR C 161 -8.31 -3.44 -6.59
C THR C 161 -9.78 -3.68 -6.96
N GLN C 162 -10.43 -4.57 -6.21
CA GLN C 162 -11.81 -4.97 -6.43
C GLN C 162 -11.95 -5.97 -7.57
N LYS C 163 -10.82 -6.38 -8.13
CA LYS C 163 -10.84 -7.38 -9.20
C LYS C 163 -11.43 -8.67 -8.61
N GLY C 164 -12.45 -9.20 -9.27
CA GLY C 164 -13.09 -10.42 -8.81
C GLY C 164 -13.90 -10.35 -7.53
N LEU C 165 -14.03 -9.17 -6.93
CA LEU C 165 -14.77 -9.04 -5.68
C LEU C 165 -16.26 -9.31 -5.83
N LYS C 166 -16.91 -8.60 -6.76
CA LYS C 166 -18.35 -8.79 -6.98
C LYS C 166 -18.69 -10.23 -7.28
N ASN C 167 -17.89 -10.81 -8.17
CA ASN C 167 -18.10 -12.19 -8.58
C ASN C 167 -18.07 -13.17 -7.41
N VAL C 168 -17.12 -13.00 -6.51
CA VAL C 168 -17.05 -13.88 -5.34
C VAL C 168 -18.40 -13.97 -4.67
N PHE C 169 -19.03 -12.83 -4.40
CA PHE C 169 -20.32 -12.87 -3.73
C PHE C 169 -21.50 -13.29 -4.60
N ASP C 170 -21.37 -13.12 -5.92
CA ASP C 170 -22.44 -13.57 -6.82
C ASP C 170 -22.42 -15.10 -6.77
N GLU C 171 -21.23 -15.68 -6.86
CA GLU C 171 -21.08 -17.15 -6.79
C GLU C 171 -21.55 -17.69 -5.44
N ALA C 172 -21.24 -16.97 -4.36
CA ALA C 172 -21.67 -17.40 -3.03
C ALA C 172 -23.19 -17.55 -3.04
N ILE C 173 -23.87 -16.56 -3.60
CA ILE C 173 -25.32 -16.58 -3.68
C ILE C 173 -25.80 -17.74 -4.54
N LEU C 174 -25.25 -17.85 -5.75
CA LEU C 174 -25.62 -18.92 -6.67
C LEU C 174 -25.44 -20.29 -6.01
N ALA C 175 -24.31 -20.49 -5.36
CA ALA C 175 -24.05 -21.76 -4.69
C ALA C 175 -25.06 -22.08 -3.59
N ALA C 176 -25.51 -21.07 -2.86
CA ALA C 176 -26.48 -21.30 -1.78
C ALA C 176 -27.85 -21.70 -2.32
N LEU C 177 -28.19 -21.26 -3.53
CA LEU C 177 -29.47 -21.57 -4.14
C LEU C 177 -29.64 -23.03 -4.57
N GLU C 178 -28.54 -23.71 -4.88
CA GLU C 178 -28.59 -25.11 -5.32
C GLU C 178 -29.33 -26.04 -4.36
N ASP D 1 -3.58 19.60 12.82
CA ASP D 1 -3.28 18.14 12.89
C ASP D 1 -1.79 17.81 12.85
N MET D 2 -1.19 17.98 11.68
CA MET D 2 0.23 17.67 11.49
C MET D 2 0.47 16.22 11.96
N LEU D 3 -0.31 15.30 11.42
CA LEU D 3 -0.17 13.90 11.80
C LEU D 3 0.55 13.08 10.73
N THR D 4 1.51 12.27 11.18
CA THR D 4 2.26 11.38 10.30
C THR D 4 1.36 10.19 10.04
N PRO D 5 1.66 9.41 8.99
CA PRO D 5 0.82 8.23 8.69
C PRO D 5 0.52 7.42 9.95
N THR D 6 1.55 7.20 10.77
CA THR D 6 1.39 6.42 12.00
C THR D 6 0.48 7.08 13.04
N GLU D 7 0.71 8.35 13.31
CA GLU D 7 -0.11 9.10 14.28
C GLU D 7 -1.57 9.16 13.83
N ARG D 8 -1.79 9.27 12.52
CA ARG D 8 -3.14 9.34 11.99
C ARG D 8 -3.82 7.99 12.14
N LYS D 9 -3.07 6.91 11.94
CA LYS D 9 -3.63 5.57 12.09
C LYS D 9 -4.07 5.35 13.55
N ARG D 10 -3.31 5.90 14.48
CA ARG D 10 -3.63 5.76 15.88
C ARG D 10 -5.00 6.36 16.15
N GLN D 11 -5.16 7.62 15.77
CA GLN D 11 -6.41 8.35 15.96
C GLN D 11 -7.56 7.66 15.26
N GLY D 12 -7.31 7.16 14.07
CA GLY D 12 -8.34 6.47 13.33
C GLY D 12 -8.84 5.27 14.10
N TYR D 13 -7.92 4.46 14.61
CA TYR D 13 -8.33 3.28 15.36
C TYR D 13 -9.01 3.62 16.68
N ILE D 14 -8.71 4.76 17.26
CA ILE D 14 -9.35 5.14 18.51
C ILE D 14 -10.75 5.61 18.16
N HIS D 15 -10.89 6.23 17.00
CA HIS D 15 -12.20 6.69 16.53
C HIS D 15 -13.06 5.49 16.26
N GLU D 16 -12.49 4.45 15.64
CA GLU D 16 -13.24 3.25 15.35
C GLU D 16 -13.68 2.54 16.65
N LEU D 17 -12.82 2.56 17.66
CA LEU D 17 -13.17 1.93 18.93
C LEU D 17 -14.47 2.56 19.44
N ILE D 18 -14.48 3.89 19.49
CA ILE D 18 -15.63 4.64 19.98
C ILE D 18 -16.90 4.50 19.15
N VAL D 19 -16.80 4.66 17.84
CA VAL D 19 -17.98 4.53 16.96
C VAL D 19 -18.58 3.13 17.01
N THR D 20 -17.73 2.10 17.01
CA THR D 20 -18.25 0.73 17.06
C THR D 20 -18.81 0.39 18.43
N GLU D 21 -18.36 1.08 19.47
CA GLU D 21 -18.90 0.83 20.79
C GLU D 21 -20.31 1.45 20.84
N GLU D 22 -20.46 2.65 20.24
CA GLU D 22 -21.77 3.33 20.18
C GLU D 22 -22.76 2.41 19.44
N ASN D 23 -22.35 1.91 18.28
CA ASN D 23 -23.21 1.04 17.48
C ASN D 23 -23.52 -0.27 18.18
N TYR D 24 -22.57 -0.77 18.96
CA TYR D 24 -22.77 -2.02 19.68
C TYR D 24 -23.79 -1.83 20.78
N VAL D 25 -23.59 -0.84 21.63
CA VAL D 25 -24.50 -0.56 22.72
C VAL D 25 -25.88 -0.21 22.13
N ASN D 26 -25.90 0.48 21.00
CA ASN D 26 -27.18 0.80 20.39
C ASN D 26 -27.88 -0.52 20.02
N ASP D 27 -27.15 -1.46 19.42
CA ASP D 27 -27.72 -2.76 19.04
C ASP D 27 -28.15 -3.60 20.26
N LEU D 28 -27.42 -3.49 21.36
CA LEU D 28 -27.81 -4.25 22.56
C LEU D 28 -29.17 -3.77 23.06
N GLN D 29 -29.36 -2.46 23.10
CA GLN D 29 -30.61 -1.89 23.57
C GLN D 29 -31.78 -2.11 22.60
N LEU D 30 -31.48 -2.19 21.31
CA LEU D 30 -32.51 -2.44 20.31
C LEU D 30 -33.14 -3.82 20.53
N VAL D 31 -32.28 -4.82 20.76
CA VAL D 31 -32.71 -6.19 20.99
C VAL D 31 -33.67 -6.30 22.18
N THR D 32 -33.37 -5.59 23.27
CA THR D 32 -34.24 -5.62 24.44
C THR D 32 -35.58 -5.00 24.10
N GLU D 33 -35.53 -3.87 23.41
CA GLU D 33 -36.74 -3.18 23.03
C GLU D 33 -37.63 -3.93 22.04
N ILE D 34 -37.06 -4.39 20.94
CA ILE D 34 -37.89 -5.05 19.93
C ILE D 34 -38.01 -6.57 19.91
N PHE D 35 -37.15 -7.26 20.66
CA PHE D 35 -37.22 -8.71 20.70
C PHE D 35 -37.48 -9.28 22.10
N GLN D 36 -36.62 -8.94 23.06
CA GLN D 36 -36.78 -9.43 24.43
C GLN D 36 -38.12 -9.13 25.12
N LYS D 37 -38.50 -7.85 25.22
CA LYS D 37 -39.75 -7.50 25.87
C LYS D 37 -40.98 -8.10 25.16
N PRO D 38 -41.08 -7.94 23.82
CA PRO D 38 -42.24 -8.51 23.10
C PRO D 38 -42.35 -10.02 23.30
N LEU D 39 -41.22 -10.73 23.24
CA LEU D 39 -41.28 -12.18 23.42
C LEU D 39 -41.69 -12.54 24.82
N MET D 40 -41.21 -11.80 25.82
CA MET D 40 -41.60 -12.11 27.19
C MET D 40 -43.08 -11.83 27.44
N GLU D 41 -43.63 -10.82 26.78
CA GLU D 41 -45.04 -10.48 26.96
C GLU D 41 -45.96 -11.27 26.05
N SER D 42 -45.38 -12.06 25.14
CA SER D 42 -46.15 -12.82 24.16
C SER D 42 -46.91 -14.04 24.66
N GLU D 43 -46.42 -14.69 25.71
CA GLU D 43 -47.07 -15.88 26.24
C GLU D 43 -46.81 -17.05 25.29
N LEU D 44 -45.78 -16.91 24.47
CA LEU D 44 -45.41 -17.97 23.55
C LEU D 44 -44.35 -18.82 24.26
N LEU D 45 -43.65 -18.21 25.22
CA LEU D 45 -42.59 -18.87 25.97
C LEU D 45 -42.77 -18.74 27.48
N THR D 46 -42.21 -19.67 28.23
CA THR D 46 -42.25 -19.61 29.68
C THR D 46 -41.09 -18.69 30.05
N GLU D 47 -41.07 -18.21 31.30
CA GLU D 47 -40.01 -17.34 31.75
C GLU D 47 -38.68 -18.07 31.55
N LYS D 48 -38.68 -19.36 31.86
CA LYS D 48 -37.46 -20.16 31.70
C LYS D 48 -36.91 -20.10 30.27
N GLU D 49 -37.80 -20.18 29.28
CA GLU D 49 -37.39 -20.17 27.88
C GLU D 49 -36.90 -18.81 27.41
N VAL D 50 -37.56 -17.74 27.85
CA VAL D 50 -37.13 -16.42 27.47
C VAL D 50 -35.71 -16.22 27.99
N ALA D 51 -35.48 -16.59 29.24
CA ALA D 51 -34.16 -16.47 29.85
C ALA D 51 -33.11 -17.32 29.15
N MET D 52 -33.52 -18.45 28.56
CA MET D 52 -32.57 -19.32 27.86
C MET D 52 -32.09 -18.64 26.58
N ILE D 53 -32.89 -17.70 26.07
CA ILE D 53 -32.52 -17.01 24.86
C ILE D 53 -31.68 -15.79 25.11
N PHE D 54 -32.13 -14.96 26.05
CA PHE D 54 -31.44 -13.71 26.36
C PHE D 54 -30.47 -13.75 27.54
N VAL D 55 -30.51 -14.82 28.32
CA VAL D 55 -29.62 -15.00 29.46
C VAL D 55 -29.40 -13.69 30.22
N ASN D 56 -28.17 -13.21 30.34
CA ASN D 56 -27.94 -11.96 31.08
C ASN D 56 -27.72 -10.70 30.21
N TRP D 57 -28.45 -10.62 29.11
CA TRP D 57 -28.36 -9.49 28.19
C TRP D 57 -28.37 -8.15 28.93
N LYS D 58 -29.17 -8.05 29.97
CA LYS D 58 -29.27 -6.82 30.77
C LYS D 58 -27.92 -6.44 31.39
N GLU D 59 -27.17 -7.43 31.88
CA GLU D 59 -25.86 -7.15 32.48
C GLU D 59 -24.89 -6.63 31.42
N LEU D 60 -24.99 -7.19 30.21
CA LEU D 60 -24.12 -6.77 29.11
C LEU D 60 -24.37 -5.29 28.81
N ILE D 61 -25.64 -4.90 28.81
CA ILE D 61 -25.97 -3.50 28.57
C ILE D 61 -25.35 -2.61 29.65
N MET D 62 -25.61 -2.91 30.92
CA MET D 62 -25.03 -2.11 32.00
C MET D 62 -23.51 -2.00 31.88
N CYS D 63 -22.88 -3.15 31.69
CA CYS D 63 -21.43 -3.22 31.57
C CYS D 63 -20.84 -2.35 30.43
N ASN D 64 -21.42 -2.38 29.24
CA ASN D 64 -20.89 -1.57 28.13
C ASN D 64 -21.29 -0.09 28.16
N ILE D 65 -22.42 0.21 28.80
CA ILE D 65 -22.84 1.60 28.91
C ILE D 65 -21.81 2.29 29.80
N LYS D 66 -21.30 1.57 30.80
CA LYS D 66 -20.28 2.15 31.66
C LYS D 66 -19.00 2.42 30.85
N LEU D 67 -18.66 1.54 29.90
CA LEU D 67 -17.47 1.74 29.08
C LEU D 67 -17.69 2.90 28.09
N LEU D 68 -18.86 2.96 27.46
CA LEU D 68 -19.16 4.01 26.48
C LEU D 68 -19.12 5.38 27.13
N LYS D 69 -19.74 5.50 28.31
CA LYS D 69 -19.75 6.77 29.04
C LYS D 69 -18.34 7.26 29.32
N ALA D 70 -17.44 6.36 29.70
CA ALA D 70 -16.05 6.76 29.99
C ALA D 70 -15.33 7.15 28.71
N LEU D 71 -15.63 6.44 27.61
CA LEU D 71 -15.02 6.75 26.32
C LEU D 71 -15.48 8.14 25.88
N ARG D 72 -16.77 8.42 26.05
CA ARG D 72 -17.33 9.72 25.69
C ARG D 72 -16.72 10.83 26.54
N VAL D 73 -16.57 10.60 27.84
CA VAL D 73 -15.98 11.63 28.70
C VAL D 73 -14.57 11.93 28.23
N ARG D 74 -13.78 10.91 27.98
CA ARG D 74 -12.40 11.13 27.51
C ARG D 74 -12.39 11.86 26.18
N LYS D 75 -13.29 11.49 25.28
CA LYS D 75 -13.38 12.12 23.96
C LYS D 75 -13.68 13.61 24.09
N LYS D 76 -14.62 13.97 24.95
CA LYS D 76 -14.99 15.37 25.19
C LYS D 76 -13.81 16.14 25.77
N MET D 77 -13.15 15.53 26.76
CA MET D 77 -12.00 16.12 27.42
C MET D 77 -10.90 16.40 26.40
N SER D 78 -10.68 15.43 25.50
CA SER D 78 -9.67 15.54 24.45
C SER D 78 -9.80 16.82 23.62
N GLY D 79 -11.01 17.13 23.20
CA GLY D 79 -11.22 18.33 22.40
C GLY D 79 -11.84 18.06 21.05
N GLU D 80 -12.63 19.02 20.61
CA GLU D 80 -13.36 18.98 19.34
C GLU D 80 -12.62 18.26 18.21
N LYS D 81 -11.60 18.90 17.66
CA LYS D 81 -10.84 18.31 16.56
C LYS D 81 -9.41 18.11 17.03
N MET D 82 -9.27 17.64 18.27
CA MET D 82 -7.96 17.39 18.85
C MET D 82 -7.77 15.90 18.99
N PRO D 83 -6.53 15.43 18.96
CA PRO D 83 -6.21 14.01 19.09
C PRO D 83 -6.34 13.50 20.52
N VAL D 84 -6.93 12.31 20.69
CA VAL D 84 -7.06 11.76 22.02
C VAL D 84 -5.67 11.22 22.37
N LYS D 85 -5.11 11.74 23.45
CA LYS D 85 -3.77 11.38 23.90
C LYS D 85 -3.69 10.05 24.64
N MET D 86 -4.74 9.69 25.38
CA MET D 86 -4.75 8.44 26.13
C MET D 86 -6.11 7.75 26.06
N ILE D 87 -6.12 6.45 25.85
CA ILE D 87 -7.37 5.71 25.83
C ILE D 87 -7.18 4.35 26.52
N GLY D 88 -5.95 3.90 26.57
CA GLY D 88 -5.63 2.62 27.20
C GLY D 88 -5.97 2.49 28.68
N ASP D 89 -5.88 3.58 29.43
CA ASP D 89 -6.21 3.52 30.86
C ASP D 89 -7.69 3.17 31.06
N ILE D 90 -8.54 3.69 30.20
CA ILE D 90 -9.96 3.39 30.34
C ILE D 90 -10.22 1.92 30.03
N LEU D 91 -9.64 1.43 28.93
CA LEU D 91 -9.85 0.05 28.54
C LEU D 91 -9.31 -0.88 29.63
N SER D 92 -8.10 -0.60 30.06
CA SER D 92 -7.46 -1.41 31.09
C SER D 92 -8.32 -1.51 32.35
N ALA D 93 -8.96 -0.42 32.75
CA ALA D 93 -9.80 -0.43 33.94
C ALA D 93 -11.15 -1.07 33.71
N GLN D 94 -11.64 -0.98 32.48
CA GLN D 94 -12.97 -1.50 32.14
C GLN D 94 -13.03 -3.00 31.85
N LEU D 95 -12.10 -3.51 31.04
CA LEU D 95 -12.13 -4.93 30.67
C LEU D 95 -12.43 -5.95 31.78
N PRO D 96 -11.90 -5.74 33.01
CA PRO D 96 -12.16 -6.67 34.11
C PRO D 96 -13.62 -6.71 34.55
N HIS D 97 -14.38 -5.67 34.23
CA HIS D 97 -15.81 -5.64 34.59
C HIS D 97 -16.61 -6.42 33.56
N MET D 98 -15.93 -7.07 32.63
CA MET D 98 -16.65 -7.78 31.58
C MET D 98 -16.91 -9.26 31.81
N GLN D 99 -16.70 -9.74 33.03
CA GLN D 99 -16.96 -11.15 33.34
C GLN D 99 -18.35 -11.61 32.88
N PRO D 100 -19.36 -10.71 32.88
CA PRO D 100 -20.70 -11.13 32.45
C PRO D 100 -20.72 -11.86 31.07
N TYR D 101 -19.79 -11.51 30.20
CA TYR D 101 -19.70 -12.15 28.88
C TYR D 101 -19.46 -13.64 28.93
N ILE D 102 -18.83 -14.10 30.00
CA ILE D 102 -18.53 -15.52 30.16
C ILE D 102 -19.85 -16.26 30.27
N ARG D 103 -20.70 -15.81 31.20
CA ARG D 103 -22.00 -16.46 31.37
C ARG D 103 -22.83 -16.39 30.09
N PHE D 104 -22.92 -15.21 29.47
CA PHE D 104 -23.74 -15.09 28.26
C PHE D 104 -23.31 -16.03 27.13
N CYS D 105 -22.06 -15.94 26.71
CA CYS D 105 -21.58 -16.79 25.62
C CYS D 105 -21.61 -18.28 25.92
N SER D 106 -21.42 -18.64 27.18
CA SER D 106 -21.43 -20.05 27.53
C SER D 106 -22.83 -20.64 27.45
N ARG D 107 -23.87 -19.79 27.37
CA ARG D 107 -25.24 -20.28 27.30
C ARG D 107 -26.02 -19.89 26.07
N GLN D 108 -25.45 -19.06 25.22
CA GLN D 108 -26.16 -18.60 24.02
C GLN D 108 -26.49 -19.68 22.99
N LEU D 109 -25.60 -20.65 22.80
CA LEU D 109 -25.87 -21.67 21.80
C LEU D 109 -27.18 -22.41 22.10
N ASN D 110 -27.38 -22.78 23.37
CA ASN D 110 -28.60 -23.49 23.75
C ASN D 110 -29.81 -22.60 23.56
N GLY D 111 -29.57 -21.29 23.51
CA GLY D 111 -30.65 -20.36 23.29
C GLY D 111 -30.97 -20.32 21.80
N ALA D 112 -29.93 -20.43 20.97
CA ALA D 112 -30.13 -20.42 19.53
C ALA D 112 -30.89 -21.68 19.11
N ALA D 113 -30.50 -22.83 19.67
CA ALA D 113 -31.18 -24.09 19.35
C ALA D 113 -32.66 -24.02 19.71
N LEU D 114 -32.95 -23.41 20.85
CA LEU D 114 -34.33 -23.26 21.32
C LEU D 114 -35.14 -22.40 20.33
N ILE D 115 -34.55 -21.29 19.88
CA ILE D 115 -35.22 -20.42 18.91
C ILE D 115 -35.53 -21.24 17.67
N GLN D 116 -34.52 -21.96 17.19
CA GLN D 116 -34.66 -22.78 15.99
C GLN D 116 -35.76 -23.83 16.16
N GLN D 117 -35.73 -24.54 17.28
CA GLN D 117 -36.71 -25.57 17.55
C GLN D 117 -38.12 -24.98 17.54
N LYS D 118 -38.31 -23.86 18.24
CA LYS D 118 -39.60 -23.19 18.31
C LYS D 118 -40.02 -22.69 16.91
N THR D 119 -39.07 -22.16 16.16
CA THR D 119 -39.36 -21.67 14.82
C THR D 119 -39.95 -22.75 13.93
N ASP D 120 -39.35 -23.93 13.96
CA ASP D 120 -39.78 -25.06 13.15
C ASP D 120 -41.03 -25.81 13.63
N GLU D 121 -41.20 -25.93 14.94
CA GLU D 121 -42.33 -26.65 15.50
C GLU D 121 -43.61 -25.82 15.67
N ALA D 122 -43.49 -24.50 15.50
CA ALA D 122 -44.64 -23.63 15.68
C ALA D 122 -44.72 -22.49 14.68
N PRO D 123 -45.80 -22.44 13.88
CA PRO D 123 -45.96 -21.38 12.89
C PRO D 123 -46.11 -20.00 13.54
N ASP D 124 -46.80 -19.96 14.68
CA ASP D 124 -47.01 -18.70 15.39
C ASP D 124 -45.68 -18.05 15.77
N PHE D 125 -44.83 -18.81 16.44
CA PHE D 125 -43.52 -18.31 16.85
C PHE D 125 -42.73 -17.77 15.66
N LYS D 126 -42.56 -18.60 14.63
CA LYS D 126 -41.79 -18.17 13.47
C LYS D 126 -42.30 -16.87 12.87
N GLU D 127 -43.62 -16.76 12.77
CA GLU D 127 -44.22 -15.57 12.20
C GLU D 127 -44.04 -14.34 13.10
N PHE D 128 -44.32 -14.52 14.39
CA PHE D 128 -44.19 -13.43 15.35
C PHE D 128 -42.78 -12.86 15.31
N VAL D 129 -41.78 -13.74 15.35
CA VAL D 129 -40.39 -13.30 15.32
C VAL D 129 -40.02 -12.58 14.02
N LYS D 130 -40.65 -12.96 12.92
CA LYS D 130 -40.38 -12.33 11.63
C LYS D 130 -40.94 -10.91 11.67
N ARG D 131 -42.11 -10.80 12.28
CA ARG D 131 -42.77 -9.51 12.42
C ARG D 131 -41.96 -8.57 13.30
N LEU D 132 -41.38 -9.11 14.38
CA LEU D 132 -40.59 -8.25 15.26
C LEU D 132 -39.36 -7.72 14.51
N GLU D 133 -38.79 -8.56 13.64
CA GLU D 133 -37.61 -8.20 12.87
C GLU D 133 -37.87 -7.17 11.77
N MET D 134 -39.12 -6.99 11.38
CA MET D 134 -39.44 -6.01 10.34
C MET D 134 -39.15 -4.58 10.80
N ASP D 135 -38.91 -4.38 12.09
CA ASP D 135 -38.59 -3.03 12.55
C ASP D 135 -37.35 -2.60 11.74
N PRO D 136 -37.43 -1.49 11.01
CA PRO D 136 -36.32 -1.00 10.21
C PRO D 136 -34.98 -0.86 10.93
N ARG D 137 -35.01 -0.73 12.25
CA ARG D 137 -33.78 -0.59 13.01
C ARG D 137 -32.95 -1.88 12.98
N CYS D 138 -33.59 -3.00 12.64
CA CYS D 138 -32.89 -4.27 12.55
C CYS D 138 -32.03 -4.35 11.27
N LYS D 139 -32.31 -3.44 10.32
CA LYS D 139 -31.58 -3.36 9.05
C LYS D 139 -31.62 -4.68 8.31
N GLY D 140 -32.73 -5.40 8.41
CA GLY D 140 -32.85 -6.66 7.71
C GLY D 140 -32.22 -7.89 8.33
N MET D 141 -31.63 -7.76 9.52
CA MET D 141 -31.01 -8.93 10.16
C MET D 141 -31.99 -9.56 11.17
N PRO D 142 -31.95 -10.90 11.29
CA PRO D 142 -32.86 -11.56 12.23
C PRO D 142 -32.34 -11.60 13.68
N LEU D 143 -33.22 -11.98 14.61
CA LEU D 143 -32.86 -12.05 16.02
C LEU D 143 -31.62 -12.90 16.27
N SER D 144 -31.61 -14.09 15.69
CA SER D 144 -30.47 -15.01 15.86
C SER D 144 -29.13 -14.39 15.49
N SER D 145 -29.12 -13.38 14.62
CA SER D 145 -27.86 -12.76 14.25
C SER D 145 -27.38 -11.75 15.30
N PHE D 146 -28.34 -11.07 15.96
CA PHE D 146 -27.97 -10.11 17.00
C PHE D 146 -27.44 -10.82 18.23
N ILE D 147 -27.94 -12.02 18.49
CA ILE D 147 -27.50 -12.82 19.64
C ILE D 147 -25.99 -13.07 19.56
N LEU D 148 -25.43 -13.01 18.35
CA LEU D 148 -23.99 -13.21 18.15
C LEU D 148 -23.10 -12.03 18.49
N LYS D 149 -23.68 -10.84 18.58
CA LYS D 149 -22.86 -9.65 18.82
C LYS D 149 -21.99 -9.61 20.07
N PRO D 150 -22.46 -10.18 21.20
CA PRO D 150 -21.60 -10.12 22.38
C PRO D 150 -20.28 -10.88 22.18
N MET D 151 -20.35 -12.10 21.63
CA MET D 151 -19.12 -12.88 21.38
C MET D 151 -18.23 -12.16 20.38
N GLN D 152 -18.85 -11.57 19.37
CA GLN D 152 -18.12 -10.83 18.35
C GLN D 152 -17.44 -9.64 18.96
N ARG D 153 -18.12 -8.96 19.89
CA ARG D 153 -17.51 -7.80 20.51
C ARG D 153 -16.27 -8.13 21.34
N VAL D 154 -16.35 -9.15 22.20
CA VAL D 154 -15.19 -9.51 23.03
C VAL D 154 -14.02 -9.98 22.19
N THR D 155 -14.32 -10.77 21.15
CA THR D 155 -13.25 -11.26 20.29
C THR D 155 -12.67 -10.17 19.38
N ARG D 156 -13.29 -8.99 19.39
CA ARG D 156 -12.79 -7.90 18.55
C ARG D 156 -11.98 -6.84 19.31
N TYR D 157 -12.21 -6.72 20.62
CA TYR D 157 -11.41 -5.74 21.39
C TYR D 157 -9.90 -5.98 21.22
N PRO D 158 -9.43 -7.24 21.30
CA PRO D 158 -7.99 -7.46 21.13
C PRO D 158 -7.50 -6.89 19.80
N LEU D 159 -8.29 -7.12 18.75
CA LEU D 159 -7.95 -6.62 17.41
C LEU D 159 -7.86 -5.09 17.39
N ILE D 160 -8.88 -4.43 17.92
CA ILE D 160 -8.89 -2.97 17.94
C ILE D 160 -7.73 -2.40 18.78
N ILE D 161 -7.53 -2.97 19.97
CA ILE D 161 -6.48 -2.51 20.87
C ILE D 161 -5.13 -2.74 20.26
N LYS D 162 -4.96 -3.89 19.62
CA LYS D 162 -3.71 -4.23 18.96
C LYS D 162 -3.38 -3.18 17.88
N ASN D 163 -4.37 -2.83 17.06
CA ASN D 163 -4.14 -1.84 16.02
C ASN D 163 -3.82 -0.49 16.62
N ILE D 164 -4.44 -0.17 17.76
CA ILE D 164 -4.12 1.12 18.38
C ILE D 164 -2.69 1.07 18.94
N LEU D 165 -2.36 -0.01 19.61
CA LEU D 165 -1.02 -0.17 20.22
C LEU D 165 0.09 -0.09 19.19
N GLU D 166 -0.07 -0.79 18.07
CA GLU D 166 0.94 -0.83 17.01
C GLU D 166 1.30 0.52 16.41
N ASN D 167 0.42 1.51 16.62
CA ASN D 167 0.63 2.84 16.11
C ASN D 167 0.84 3.80 17.26
N THR D 168 1.22 3.25 18.39
CA THR D 168 1.50 4.04 19.57
C THR D 168 2.94 3.74 19.95
N PRO D 169 3.82 4.74 19.87
CA PRO D 169 5.24 4.54 20.23
C PRO D 169 5.55 4.18 21.69
N GLU D 170 6.69 3.53 21.86
CA GLU D 170 7.20 3.08 23.16
C GLU D 170 7.18 4.10 24.29
N ASN D 171 7.48 5.36 24.00
CA ASN D 171 7.51 6.38 25.06
C ASN D 171 6.24 7.22 25.21
N HIS D 172 5.24 6.91 24.40
CA HIS D 172 3.97 7.61 24.45
C HIS D 172 3.30 7.33 25.80
N PRO D 173 2.66 8.33 26.41
CA PRO D 173 1.99 8.10 27.69
C PRO D 173 0.89 7.04 27.69
N ASP D 174 0.50 6.55 26.51
CA ASP D 174 -0.57 5.54 26.43
C ASP D 174 -0.03 4.13 26.15
N HIS D 175 1.27 4.01 25.89
CA HIS D 175 1.81 2.70 25.56
C HIS D 175 1.64 1.59 26.59
N SER D 176 2.01 1.85 27.85
CA SER D 176 1.87 0.83 28.87
C SER D 176 0.43 0.44 29.09
N HIS D 177 -0.46 1.43 29.18
CA HIS D 177 -1.89 1.14 29.38
C HIS D 177 -2.43 0.26 28.25
N LEU D 178 -2.04 0.52 27.01
CA LEU D 178 -2.55 -0.30 25.90
C LEU D 178 -1.98 -1.72 25.95
N LYS D 179 -0.71 -1.85 26.37
CA LYS D 179 -0.12 -3.19 26.48
C LYS D 179 -0.92 -3.97 27.51
N HIS D 180 -1.25 -3.31 28.62
CA HIS D 180 -2.02 -3.91 29.69
C HIS D 180 -3.43 -4.26 29.22
N ALA D 181 -4.08 -3.30 28.54
CA ALA D 181 -5.42 -3.54 28.04
C ALA D 181 -5.43 -4.73 27.09
N LEU D 182 -4.47 -4.79 26.18
CA LEU D 182 -4.42 -5.91 25.22
C LEU D 182 -4.42 -7.22 25.99
N GLU D 183 -3.57 -7.31 27.01
CA GLU D 183 -3.50 -8.54 27.80
C GLU D 183 -4.82 -8.86 28.47
N LYS D 184 -5.45 -7.87 29.08
CA LYS D 184 -6.73 -8.13 29.74
C LYS D 184 -7.75 -8.63 28.70
N ALA D 185 -7.80 -7.96 27.55
CA ALA D 185 -8.76 -8.33 26.49
C ALA D 185 -8.54 -9.75 26.02
N GLU D 186 -7.28 -10.17 25.91
CA GLU D 186 -6.98 -11.54 25.48
C GLU D 186 -7.35 -12.55 26.57
N GLU D 187 -7.02 -12.25 27.82
CA GLU D 187 -7.35 -13.15 28.92
C GLU D 187 -8.87 -13.32 28.97
N LEU D 188 -9.59 -12.22 28.73
CA LEU D 188 -11.04 -12.24 28.75
C LEU D 188 -11.56 -13.23 27.70
N CYS D 189 -11.08 -13.10 26.46
CA CYS D 189 -11.54 -13.99 25.39
C CYS D 189 -11.28 -15.42 25.75
N SER D 190 -10.10 -15.64 26.34
CA SER D 190 -9.69 -16.97 26.75
C SER D 190 -10.65 -17.49 27.82
N GLN D 191 -11.03 -16.64 28.77
CA GLN D 191 -11.98 -17.06 29.79
C GLN D 191 -13.36 -17.34 29.22
N VAL D 192 -13.76 -16.58 28.21
CA VAL D 192 -15.06 -16.81 27.61
C VAL D 192 -15.01 -18.12 26.81
N ASN D 193 -13.88 -18.37 26.15
CA ASN D 193 -13.73 -19.59 25.39
C ASN D 193 -13.80 -20.79 26.33
N GLU D 194 -13.09 -20.73 27.45
CA GLU D 194 -13.11 -21.85 28.38
C GLU D 194 -14.47 -22.01 29.04
N GLY D 195 -15.14 -20.90 29.33
CA GLY D 195 -16.45 -20.99 29.95
C GLY D 195 -17.41 -21.75 29.07
N VAL D 196 -17.27 -21.58 27.75
CA VAL D 196 -18.14 -22.27 26.81
C VAL D 196 -17.82 -23.76 26.89
N ARG D 197 -16.53 -24.08 26.90
CA ARG D 197 -16.07 -25.46 26.97
C ARG D 197 -16.60 -26.12 28.25
N GLU D 198 -16.41 -25.45 29.39
CA GLU D 198 -16.84 -25.99 30.68
C GLU D 198 -18.35 -26.19 30.75
N LYS D 199 -19.13 -25.33 30.09
CA LYS D 199 -20.59 -25.46 30.09
C LYS D 199 -21.03 -26.61 29.17
N GLU D 200 -20.36 -26.77 28.04
CA GLU D 200 -20.67 -27.87 27.12
C GLU D 200 -20.45 -29.19 27.88
N ASN D 201 -19.32 -29.27 28.56
CA ASN D 201 -19.01 -30.48 29.33
C ASN D 201 -20.08 -30.75 30.39
N SER D 202 -20.51 -29.70 31.07
CA SER D 202 -21.54 -29.83 32.12
C SER D 202 -22.86 -30.31 31.51
N ASP D 203 -23.19 -29.83 30.32
CA ASP D 203 -24.43 -30.23 29.65
C ASP D 203 -24.33 -31.67 29.15
N ARG D 204 -23.16 -32.09 28.67
CA ARG D 204 -23.00 -33.46 28.22
C ARG D 204 -23.18 -34.42 29.41
N LEU D 205 -22.58 -34.06 30.55
CA LEU D 205 -22.66 -34.88 31.76
C LEU D 205 -24.10 -34.95 32.28
N GLU D 206 -24.84 -33.86 32.14
CA GLU D 206 -26.24 -33.82 32.58
C GLU D 206 -27.06 -34.73 31.68
N TRP D 207 -26.70 -34.76 30.40
CA TRP D 207 -27.41 -35.61 29.45
C TRP D 207 -27.23 -37.04 29.93
N ILE D 208 -25.98 -37.49 29.93
CA ILE D 208 -25.63 -38.84 30.34
C ILE D 208 -26.31 -39.19 31.67
N GLN D 209 -26.34 -38.24 32.59
CA GLN D 209 -26.95 -38.47 33.91
C GLN D 209 -28.41 -38.87 33.81
N ALA D 210 -29.04 -38.59 32.68
CA ALA D 210 -30.46 -38.92 32.51
C ALA D 210 -30.70 -39.97 31.44
N HIS D 211 -29.64 -40.63 30.98
CA HIS D 211 -29.79 -41.64 29.94
C HIS D 211 -29.02 -42.93 30.19
N VAL D 212 -28.28 -42.98 31.29
CA VAL D 212 -27.54 -44.19 31.60
C VAL D 212 -28.08 -44.80 32.88
N GLN D 213 -28.42 -46.08 32.81
CA GLN D 213 -28.96 -46.81 33.94
C GLN D 213 -27.82 -47.33 34.81
N CYS D 214 -27.61 -46.67 35.95
CA CYS D 214 -26.55 -47.08 36.88
C CYS D 214 -27.17 -47.77 38.08
N GLU D 215 -27.87 -48.85 37.81
CA GLU D 215 -28.55 -49.65 38.83
C GLU D 215 -27.66 -50.06 40.00
N GLY D 216 -28.20 -49.89 41.20
CA GLY D 216 -27.49 -50.26 42.42
C GLY D 216 -25.98 -50.24 42.38
N LEU D 217 -25.40 -49.18 42.94
CA LEU D 217 -23.96 -49.03 43.01
C LEU D 217 -23.55 -48.75 44.44
N SER D 218 -24.56 -48.67 45.30
CA SER D 218 -24.39 -48.41 46.73
C SER D 218 -23.88 -46.99 46.97
N GLU D 219 -23.99 -46.14 45.96
CA GLU D 219 -23.52 -44.77 46.08
C GLU D 219 -24.31 -43.78 45.22
N GLN D 220 -24.95 -44.29 44.17
CA GLN D 220 -25.73 -43.44 43.25
C GLN D 220 -24.81 -42.49 42.50
N LEU D 221 -24.48 -42.87 41.27
CA LEU D 221 -23.58 -42.07 40.43
C LEU D 221 -24.15 -40.74 39.96
N VAL D 222 -23.46 -39.66 40.35
CA VAL D 222 -23.83 -38.31 39.96
C VAL D 222 -22.72 -37.84 39.03
N PHE D 223 -22.93 -38.02 37.73
CA PHE D 223 -21.94 -37.65 36.74
C PHE D 223 -21.43 -36.23 36.80
N ASN D 224 -22.33 -35.27 36.93
CA ASN D 224 -21.93 -33.88 36.96
C ASN D 224 -21.54 -33.40 38.37
N SER D 225 -20.47 -33.98 38.89
CA SER D 225 -19.95 -33.63 40.21
C SER D 225 -18.44 -33.80 40.18
N VAL D 226 -17.79 -33.58 41.33
CA VAL D 226 -16.34 -33.70 41.41
C VAL D 226 -15.88 -35.15 41.56
N THR D 227 -14.70 -35.46 41.04
CA THR D 227 -14.16 -36.81 41.13
C THR D 227 -13.39 -36.89 42.45
N ASN D 228 -12.94 -38.09 42.79
CA ASN D 228 -12.20 -38.29 44.04
C ASN D 228 -10.98 -37.38 44.20
N CYS D 229 -10.20 -37.17 43.14
CA CYS D 229 -9.02 -36.33 43.26
C CYS D 229 -8.54 -35.67 41.97
N LEU D 230 -9.43 -35.53 40.98
CA LEU D 230 -9.03 -34.92 39.72
C LEU D 230 -9.77 -33.62 39.42
N GLY D 231 -10.71 -33.25 40.29
CA GLY D 231 -11.48 -32.04 40.07
C GLY D 231 -12.83 -32.42 39.51
N PRO D 232 -13.57 -31.48 38.89
CA PRO D 232 -14.89 -31.80 38.33
C PRO D 232 -14.74 -32.88 37.28
N ARG D 233 -15.73 -33.77 37.17
CA ARG D 233 -15.65 -34.82 36.17
C ARG D 233 -15.71 -34.18 34.80
N LYS D 234 -14.93 -34.73 33.88
CA LYS D 234 -14.91 -34.25 32.52
C LYS D 234 -15.22 -35.41 31.60
N PHE D 235 -16.05 -35.17 30.60
CA PHE D 235 -16.39 -36.18 29.63
C PHE D 235 -15.25 -36.18 28.63
N LEU D 236 -14.75 -37.35 28.25
CA LEU D 236 -13.64 -37.42 27.32
C LEU D 236 -13.96 -38.06 25.97
N HIS D 237 -14.78 -39.11 25.96
CA HIS D 237 -15.07 -39.79 24.69
C HIS D 237 -16.13 -40.91 24.79
N SER D 238 -16.70 -41.28 23.64
CA SER D 238 -17.71 -42.35 23.53
C SER D 238 -17.95 -42.70 22.05
N GLY D 239 -18.25 -43.98 21.76
CA GLY D 239 -18.47 -44.38 20.39
C GLY D 239 -18.74 -45.88 20.12
N LYS D 240 -19.45 -46.54 21.04
CA LYS D 240 -19.88 -47.95 20.91
C LYS D 240 -18.76 -49.00 21.09
N LEU D 241 -18.46 -49.86 20.23
CA LEU D 241 -17.33 -50.74 20.64
C LEU D 241 -17.73 -52.05 21.40
N TYR D 242 -17.63 -53.14 20.66
CA TYR D 242 -17.99 -54.50 21.14
C TYR D 242 -16.74 -55.36 21.35
N LYS D 243 -16.86 -56.38 22.19
CA LYS D 243 -15.74 -57.28 22.47
C LYS D 243 -15.57 -58.28 21.33
N ALA D 244 -14.34 -58.47 20.87
CA ALA D 244 -14.08 -59.43 19.81
C ALA D 244 -14.48 -60.79 20.36
N LYS D 245 -14.38 -60.91 21.69
CA LYS D 245 -14.74 -62.14 22.39
C LYS D 245 -16.13 -61.93 22.98
N ASN D 246 -16.77 -63.02 23.39
CA ASN D 246 -18.11 -62.95 23.98
C ASN D 246 -19.11 -62.45 22.94
N ASN D 247 -19.79 -61.34 23.24
CA ASN D 247 -20.79 -60.78 22.33
C ASN D 247 -20.46 -59.33 21.97
N LYS D 248 -21.42 -58.66 21.34
CA LYS D 248 -21.26 -57.27 20.93
C LYS D 248 -22.30 -56.38 21.62
N GLU D 249 -22.67 -55.27 20.97
CA GLU D 249 -23.66 -54.35 21.51
C GLU D 249 -23.27 -53.72 22.83
N LEU D 250 -22.28 -52.83 22.80
CA LEU D 250 -21.83 -52.15 24.01
C LEU D 250 -21.42 -50.72 23.66
N TYR D 251 -22.04 -49.73 24.33
CA TYR D 251 -21.68 -48.34 24.09
C TYR D 251 -20.93 -47.86 25.33
N GLY D 252 -19.75 -47.26 25.14
CA GLY D 252 -19.00 -46.80 26.28
C GLY D 252 -18.70 -45.32 26.33
N PHE D 253 -18.59 -44.81 27.55
CA PHE D 253 -18.27 -43.40 27.76
C PHE D 253 -17.02 -43.30 28.62
N LEU D 254 -16.06 -42.49 28.17
CA LEU D 254 -14.82 -42.31 28.91
C LEU D 254 -14.83 -40.97 29.63
N PHE D 255 -14.47 -40.97 30.90
CA PHE D 255 -14.42 -39.76 31.71
C PHE D 255 -12.99 -39.61 32.20
N ASN D 256 -12.69 -38.53 32.89
CA ASN D 256 -11.31 -38.35 33.36
C ASN D 256 -10.94 -39.28 34.51
N ASP D 257 -11.94 -39.87 35.16
CA ASP D 257 -11.65 -40.77 36.26
C ASP D 257 -12.09 -42.22 36.02
N PHE D 258 -12.99 -42.45 35.07
CA PHE D 258 -13.41 -43.82 34.80
C PHE D 258 -14.04 -44.09 33.46
N LEU D 259 -13.94 -45.34 33.02
CA LEU D 259 -14.50 -45.77 31.74
C LEU D 259 -15.82 -46.48 32.02
N LEU D 260 -16.89 -46.03 31.39
CA LEU D 260 -18.19 -46.65 31.59
C LEU D 260 -18.64 -47.45 30.39
N LEU D 261 -19.05 -48.70 30.63
CA LEU D 261 -19.53 -49.58 29.58
C LEU D 261 -21.02 -49.75 29.79
N THR D 262 -21.79 -49.62 28.71
CA THR D 262 -23.24 -49.75 28.79
C THR D 262 -23.83 -50.50 27.61
N GLN D 263 -25.15 -50.65 27.60
CA GLN D 263 -25.83 -51.33 26.51
C GLN D 263 -27.01 -50.52 26.00
N ILE D 264 -27.07 -50.32 24.69
CA ILE D 264 -28.13 -49.54 24.04
C ILE D 264 -29.49 -50.24 24.11
N THR D 265 -30.29 -49.92 25.11
CA THR D 265 -31.61 -50.52 25.26
C THR D 265 -32.61 -49.85 24.33
N LYS D 266 -33.21 -50.63 23.44
CA LYS D 266 -34.20 -50.12 22.48
C LYS D 266 -35.63 -50.51 22.86
N PRO D 267 -36.63 -49.70 22.43
CA PRO D 267 -38.04 -49.93 22.72
C PRO D 267 -38.53 -51.34 22.44
N LYS D 275 -27.02 -41.60 18.58
CA LYS D 275 -27.48 -40.17 18.58
C LYS D 275 -26.63 -39.43 19.60
N VAL D 276 -25.57 -40.09 20.07
CA VAL D 276 -24.60 -39.57 21.05
C VAL D 276 -25.15 -38.52 22.03
N PHE D 277 -25.69 -37.42 21.52
CA PHE D 277 -26.30 -36.40 22.37
C PHE D 277 -27.38 -35.79 21.50
N SER D 278 -28.43 -35.32 22.15
CA SER D 278 -29.57 -34.71 21.48
C SER D 278 -30.79 -34.85 22.39
N PRO D 279 -31.68 -33.85 22.35
CA PRO D 279 -32.92 -33.79 23.13
C PRO D 279 -33.85 -35.00 22.89
N LYS D 280 -33.55 -35.81 21.88
CA LYS D 280 -34.38 -37.00 21.61
C LYS D 280 -34.00 -38.18 22.50
N SER D 281 -34.98 -38.64 23.29
CA SER D 281 -34.79 -39.74 24.23
C SER D 281 -33.92 -40.90 23.74
N ASN D 282 -33.54 -41.75 24.70
CA ASN D 282 -32.69 -42.92 24.45
C ASN D 282 -32.17 -43.38 25.81
N LEU D 283 -32.21 -44.68 26.08
CA LEU D 283 -31.74 -45.19 27.35
C LEU D 283 -30.65 -46.25 27.19
N GLN D 284 -29.69 -46.26 28.11
CA GLN D 284 -28.59 -47.21 28.07
C GLN D 284 -28.32 -47.76 29.48
N TYR D 285 -28.17 -49.07 29.59
CA TYR D 285 -27.93 -49.72 30.87
C TYR D 285 -26.44 -50.02 31.11
N MET D 286 -25.98 -49.66 32.30
CA MET D 286 -24.58 -49.87 32.68
C MET D 286 -24.22 -51.35 32.58
N TYR D 287 -22.96 -51.62 32.27
CA TYR D 287 -22.48 -53.00 32.17
C TYR D 287 -21.96 -53.40 33.54
N LYS D 288 -20.68 -53.74 33.62
CA LYS D 288 -20.10 -54.12 34.89
C LYS D 288 -19.95 -52.87 35.75
N THR D 289 -18.98 -52.88 36.65
CA THR D 289 -18.73 -51.73 37.52
C THR D 289 -17.84 -50.75 36.75
N PRO D 290 -18.06 -49.43 36.91
CA PRO D 290 -17.23 -48.47 36.20
C PRO D 290 -15.75 -48.74 36.47
N ILE D 291 -14.98 -48.85 35.41
CA ILE D 291 -13.55 -49.12 35.52
C ILE D 291 -12.73 -47.85 35.65
N PHE D 292 -12.22 -47.61 36.86
CA PHE D 292 -11.42 -46.42 37.12
C PHE D 292 -10.03 -46.48 36.51
N LEU D 293 -9.64 -45.38 35.87
CA LEU D 293 -8.36 -45.26 35.18
C LEU D 293 -7.09 -45.34 36.03
N ASN D 294 -7.22 -45.24 37.35
CA ASN D 294 -6.04 -45.33 38.19
C ASN D 294 -5.61 -46.78 38.37
N GLU D 295 -6.45 -47.71 37.90
CA GLU D 295 -6.17 -49.14 37.98
C GLU D 295 -6.56 -49.82 36.67
N VAL D 296 -5.96 -49.35 35.58
CA VAL D 296 -6.25 -49.88 34.26
C VAL D 296 -4.99 -49.84 33.41
N LEU D 297 -4.94 -50.68 32.38
CA LEU D 297 -3.80 -50.73 31.47
C LEU D 297 -4.31 -50.82 30.04
N VAL D 298 -3.56 -50.22 29.11
CA VAL D 298 -3.97 -50.23 27.73
C VAL D 298 -2.84 -50.59 26.77
N LYS D 299 -3.04 -51.67 26.02
CA LYS D 299 -2.10 -52.16 25.02
C LYS D 299 -2.94 -52.58 23.82
N LEU D 300 -2.37 -52.48 22.62
CA LEU D 300 -3.09 -52.90 21.42
C LEU D 300 -2.55 -54.25 21.00
N PRO D 301 -3.27 -54.96 20.11
CA PRO D 301 -2.79 -56.26 19.65
C PRO D 301 -2.44 -56.31 18.16
N THR D 302 -2.01 -55.19 17.58
CA THR D 302 -1.64 -55.17 16.17
C THR D 302 -0.45 -56.10 16.01
N ASP D 303 0.70 -55.64 16.48
CA ASP D 303 1.91 -56.46 16.44
C ASP D 303 1.57 -57.64 17.36
N PRO D 304 1.72 -58.88 16.87
CA PRO D 304 1.40 -60.04 17.71
C PRO D 304 1.84 -59.91 19.17
N SER D 305 0.87 -59.88 20.07
CA SER D 305 1.10 -59.77 21.50
C SER D 305 -0.25 -59.58 22.17
N GLY D 306 -1.31 -59.61 21.34
CA GLY D 306 -2.67 -59.46 21.83
C GLY D 306 -3.44 -60.77 21.83
N ASP D 307 -4.50 -60.86 22.64
CA ASP D 307 -5.36 -62.04 22.73
C ASP D 307 -4.69 -63.18 23.44
N PHE D 311 -7.47 -54.20 20.37
CA PHE D 311 -7.49 -53.24 21.53
C PHE D 311 -7.71 -53.97 22.85
N HIS D 312 -6.67 -54.02 23.69
CA HIS D 312 -6.76 -54.69 24.97
C HIS D 312 -6.70 -53.76 26.16
N ILE D 313 -7.51 -54.05 27.17
CA ILE D 313 -7.57 -53.24 28.38
C ILE D 313 -7.65 -54.10 29.63
N SER D 314 -6.68 -53.95 30.51
CA SER D 314 -6.61 -54.73 31.75
C SER D 314 -7.22 -54.03 32.97
N HIS D 315 -8.07 -54.73 33.72
CA HIS D 315 -8.66 -54.15 34.94
C HIS D 315 -8.39 -55.10 36.10
N ILE D 316 -7.50 -54.62 36.98
CA ILE D 316 -6.90 -55.40 37.98
C ILE D 316 -7.70 -56.75 38.14
N ASP D 317 -7.11 -57.83 37.64
CA ASP D 317 -7.61 -59.18 37.60
C ASP D 317 -8.75 -59.59 36.69
N ARG D 318 -8.79 -58.86 35.57
CA ARG D 318 -9.70 -59.08 34.48
C ARG D 318 -9.05 -58.53 33.23
N VAL D 319 -9.61 -58.87 32.08
CA VAL D 319 -9.09 -58.39 30.82
C VAL D 319 -10.22 -58.27 29.82
N TYR D 320 -10.33 -57.10 29.21
CA TYR D 320 -11.37 -56.90 28.22
C TYR D 320 -10.80 -56.78 26.83
N THR D 321 -11.24 -57.68 25.96
CA THR D 321 -10.83 -57.59 24.58
C THR D 321 -11.94 -56.66 24.11
N LEU D 322 -11.60 -55.68 23.30
CA LEU D 322 -12.61 -54.76 22.83
C LEU D 322 -12.18 -54.38 21.42
N ARG D 323 -13.14 -54.30 20.50
CA ARG D 323 -12.87 -53.97 19.11
C ARG D 323 -13.59 -52.67 18.75
N ALA D 324 -12.87 -51.78 18.07
CA ALA D 324 -13.43 -50.49 17.70
C ALA D 324 -14.27 -50.53 16.42
N GLU D 325 -13.96 -49.64 15.49
CA GLU D 325 -14.66 -49.55 14.21
C GLU D 325 -13.68 -49.16 13.12
N SER D 326 -12.72 -48.30 13.47
CA SER D 326 -11.73 -47.84 12.50
C SER D 326 -10.35 -47.62 13.13
N ILE D 327 -9.36 -47.38 12.27
CA ILE D 327 -7.99 -47.13 12.70
C ILE D 327 -7.94 -45.82 13.48
N ASN D 328 -8.85 -44.92 13.13
CA ASN D 328 -8.93 -43.61 13.76
C ASN D 328 -9.51 -43.67 15.17
N GLU D 329 -10.50 -44.54 15.37
CA GLU D 329 -11.13 -44.69 16.68
C GLU D 329 -10.37 -45.63 17.61
N ARG D 330 -9.77 -46.66 17.05
CA ARG D 330 -9.03 -47.62 17.87
C ARG D 330 -7.88 -46.89 18.58
N THR D 331 -6.99 -46.28 17.80
CA THR D 331 -5.86 -45.56 18.37
C THR D 331 -6.36 -44.35 19.16
N ALA D 332 -7.65 -44.05 19.04
CA ALA D 332 -8.26 -42.93 19.73
C ALA D 332 -8.53 -43.22 21.21
N TRP D 333 -9.20 -44.33 21.49
CA TRP D 333 -9.49 -44.71 22.88
C TRP D 333 -8.18 -44.97 23.60
N VAL D 334 -7.27 -45.65 22.91
CA VAL D 334 -5.95 -45.96 23.46
C VAL D 334 -5.28 -44.66 23.86
N GLN D 335 -5.27 -43.71 22.95
CA GLN D 335 -4.65 -42.41 23.18
C GLN D 335 -5.21 -41.74 24.44
N LYS D 336 -6.51 -41.57 24.47
CA LYS D 336 -7.20 -40.93 25.58
C LYS D 336 -7.17 -41.69 26.91
N ILE D 337 -7.45 -43.00 26.86
CA ILE D 337 -7.45 -43.79 28.08
C ILE D 337 -6.08 -43.75 28.74
N LYS D 338 -5.04 -43.89 27.93
CA LYS D 338 -3.66 -43.88 28.43
C LYS D 338 -3.28 -42.52 29.01
N ALA D 339 -3.59 -41.46 28.26
CA ALA D 339 -3.29 -40.11 28.71
C ALA D 339 -4.04 -39.82 30.02
N ALA D 340 -5.35 -39.99 29.98
CA ALA D 340 -6.18 -39.74 31.15
C ALA D 340 -5.72 -40.58 32.34
N SER D 341 -5.42 -41.84 32.09
CA SER D 341 -4.98 -42.75 33.14
C SER D 341 -3.68 -42.30 33.81
N GLU D 342 -2.67 -41.98 33.00
CA GLU D 342 -1.38 -41.54 33.51
C GLU D 342 -1.49 -40.24 34.30
N LEU D 343 -2.34 -39.33 33.81
CA LEU D 343 -2.54 -38.03 34.48
C LEU D 343 -3.20 -38.28 35.83
N TYR D 344 -4.01 -39.33 35.90
CA TYR D 344 -4.71 -39.72 37.13
C TYR D 344 -3.65 -40.30 38.08
N ILE D 345 -2.75 -41.09 37.53
CA ILE D 345 -1.67 -41.70 38.30
C ILE D 345 -0.84 -40.62 39.00
N GLU D 346 -0.28 -39.70 38.20
CA GLU D 346 0.53 -38.64 38.72
C GLU D 346 -0.14 -37.88 39.90
N THR D 347 -1.38 -37.47 39.59
CA THR D 347 -2.20 -36.62 40.46
C THR D 347 -2.46 -37.40 41.68
N GLU D 348 -2.46 -38.72 41.57
CA GLU D 348 -2.68 -39.56 42.73
C GLU D 348 -1.39 -39.71 43.54
N LYS D 349 -0.25 -39.65 42.86
CA LYS D 349 1.04 -39.78 43.53
C LYS D 349 1.34 -38.55 44.39
N LYS D 350 0.29 -37.85 44.79
CA LYS D 350 0.43 -36.66 45.64
C LYS D 350 -0.56 -36.74 46.79
N LYS D 351 -0.78 -37.95 47.30
CA LYS D 351 -1.70 -38.15 48.41
C LYS D 351 -1.02 -38.89 49.56
N ARG D 352 -1.81 -39.31 50.54
CA ARG D 352 -1.33 -40.01 51.73
C ARG D 352 -0.59 -39.09 52.70
#